data_5YSB
#
_entry.id   5YSB
#
_cell.length_a   74.925
_cell.length_b   74.925
_cell.length_c   120.844
_cell.angle_alpha   90.00
_cell.angle_beta   90.00
_cell.angle_gamma   120.00
#
_symmetry.space_group_name_H-M   'P 32'
#
loop_
_entity.id
_entity.type
_entity.pdbx_description
1 polymer 'Lin1841 protein'
2 non-polymer 'ZINC ION'
3 non-polymer DI(HYDROXYETHYL)ETHER
4 water water
#
_entity_poly.entity_id   1
_entity_poly.type   'polypeptide(L)'
_entity_poly.pdbx_seq_one_letter_code
;MDDANSSDSKVLNVWAMGDEAKSLKELAQKFTKDTGIEVKVQVIPWANAHDKLLTAVASKSGPDVVQMGTTWMPEFVEAG
ALLDITKDVEKSKNMNSDLFFPGSVKTTQFDGKTYGVPWYAETRVLFYRTDLLKKVGYNEAPKTWDELSDAALKLSKRGK
DMYGFAIDPNEQTTGFIFGRQNGSPLFDKDGTPVFNKKPFVDTVTYLDSFIKNGSAPDTDLGLDASQSFGGDGIVPMFMS
GPWMVNTLKDTAPDIDGKWATAVLPKKENNESSLGGANLSIFKYSNKKDDALKFMDYMSQPDVQLSWLKDTNSMPARMDA
WEDDMLKNDPYYKVFGEQMKTAEPMPLIPQFEEIAQLYGKSWEQIYRGGADVQTQMDTFNDQVEALLKKLEHHHHHH
;
_entity_poly.pdbx_strand_id   A,B
#
loop_
_chem_comp.id
_chem_comp.type
_chem_comp.name
_chem_comp.formula
PEG non-polymer DI(HYDROXYETHYL)ETHER 'C4 H10 O3'
ZN non-polymer 'ZINC ION' 'Zn 2'
#
# COMPACT_ATOMS: atom_id res chain seq x y z
N LYS A 10 5.27 30.66 -3.71
CA LYS A 10 6.08 30.99 -4.94
C LYS A 10 6.51 29.72 -5.71
N VAL A 11 7.00 28.69 -5.03
CA VAL A 11 7.56 27.47 -5.67
C VAL A 11 6.41 26.61 -6.17
N LEU A 12 6.54 25.99 -7.34
CA LEU A 12 5.52 25.06 -7.81
C LEU A 12 5.71 23.70 -7.13
N ASN A 13 4.71 23.29 -6.35
CA ASN A 13 4.77 21.97 -5.69
C ASN A 13 4.30 20.87 -6.67
N VAL A 14 5.14 19.86 -6.86
CA VAL A 14 4.81 18.71 -7.75
C VAL A 14 4.86 17.40 -6.96
N TRP A 15 3.75 16.68 -6.92
CA TRP A 15 3.73 15.39 -6.28
C TRP A 15 3.99 14.26 -7.29
N ALA A 16 5.07 13.52 -7.12
CA ALA A 16 5.41 12.34 -7.87
C ALA A 16 5.20 11.11 -7.00
N MET A 17 4.94 9.96 -7.62
CA MET A 17 4.61 8.78 -6.83
C MET A 17 5.80 7.80 -6.90
N GLY A 18 6.00 7.08 -5.79
CA GLY A 18 7.05 6.07 -5.67
C GLY A 18 7.91 6.26 -4.44
N ASP A 19 8.98 5.47 -4.42
CA ASP A 19 10.00 5.47 -3.35
C ASP A 19 11.00 6.61 -3.61
N GLU A 20 11.19 6.90 -4.90
CA GLU A 20 12.23 7.78 -5.40
C GLU A 20 11.62 8.65 -6.50
N ALA A 21 12.05 9.92 -6.63
CA ALA A 21 11.68 10.77 -7.80
C ALA A 21 12.91 11.51 -8.33
N LYS A 22 14.04 10.82 -8.38
CA LYS A 22 15.32 11.39 -8.74
C LYS A 22 15.31 11.92 -10.19
N SER A 23 14.77 11.16 -11.13
CA SER A 23 14.84 11.61 -12.54
C SER A 23 13.92 12.83 -12.77
N LEU A 24 12.75 12.88 -12.13
CA LEU A 24 11.84 14.00 -12.36
C LEU A 24 12.46 15.29 -11.78
N LYS A 25 13.11 15.21 -10.61
CA LYS A 25 13.85 16.35 -10.00
C LYS A 25 14.85 16.91 -11.02
N GLU A 26 15.54 16.00 -11.71
CA GLU A 26 16.54 16.39 -12.71
C GLU A 26 15.87 17.15 -13.85
N LEU A 27 14.75 16.65 -14.40
CA LEU A 27 13.99 17.37 -15.48
C LEU A 27 13.37 18.68 -14.93
N ALA A 28 12.95 18.65 -13.67
CA ALA A 28 12.41 19.87 -13.01
C ALA A 28 13.49 20.95 -12.85
N GLN A 29 14.73 20.54 -12.64
CA GLN A 29 15.85 21.49 -12.49
C GLN A 29 16.18 22.12 -13.84
N LYS A 30 15.98 21.37 -14.92
CA LYS A 30 16.22 21.91 -16.25
C LYS A 30 15.07 22.85 -16.62
N PHE A 31 13.85 22.46 -16.29
CA PHE A 31 12.66 23.32 -16.47
C PHE A 31 12.87 24.68 -15.77
N THR A 32 13.45 24.67 -14.57
CA THR A 32 13.66 25.88 -13.76
C THR A 32 14.70 26.80 -14.44
N LYS A 33 15.81 26.21 -14.89
CA LYS A 33 16.84 26.91 -15.65
C LYS A 33 16.24 27.57 -16.90
N ASP A 34 15.30 26.90 -17.55
CA ASP A 34 14.62 27.37 -18.78
C ASP A 34 13.67 28.54 -18.50
N THR A 35 12.80 28.41 -17.49
CA THR A 35 11.60 29.23 -17.37
C THR A 35 11.69 30.24 -16.22
N GLY A 36 12.71 30.14 -15.36
CA GLY A 36 12.72 30.88 -14.12
C GLY A 36 11.68 30.33 -13.17
N ILE A 37 10.91 29.32 -13.62
CA ILE A 37 9.94 28.68 -12.74
C ILE A 37 10.67 27.65 -11.87
N GLU A 38 10.46 27.94 -10.58
CA GLU A 38 11.00 27.19 -9.46
C GLU A 38 10.08 26.00 -9.19
N VAL A 39 10.61 24.79 -8.98
CA VAL A 39 9.76 23.61 -8.84
C VAL A 39 10.25 22.76 -7.67
N LYS A 40 9.37 22.37 -6.75
CA LYS A 40 9.79 21.47 -5.71
C LYS A 40 9.05 20.13 -5.83
N VAL A 41 9.78 19.06 -6.01
CA VAL A 41 9.17 17.78 -6.19
C VAL A 41 9.14 17.02 -4.85
N GLN A 42 7.93 16.67 -4.41
CA GLN A 42 7.75 15.86 -3.26
C GLN A 42 7.46 14.42 -3.70
N VAL A 43 8.02 13.43 -3.01
CA VAL A 43 7.89 12.02 -3.33
C VAL A 43 6.85 11.38 -2.40
N ILE A 44 5.69 10.95 -2.91
CA ILE A 44 4.66 10.36 -2.10
C ILE A 44 4.71 8.84 -2.28
N PRO A 45 4.96 8.08 -1.18
CA PRO A 45 4.90 6.62 -1.32
C PRO A 45 3.51 6.19 -1.83
N TRP A 46 3.47 5.17 -2.71
CA TRP A 46 2.24 4.71 -3.35
C TRP A 46 1.17 4.35 -2.30
N ALA A 47 1.53 3.74 -1.17
CA ALA A 47 0.52 3.26 -0.23
C ALA A 47 -0.04 4.43 0.59
N ASN A 48 0.45 5.63 0.37
CA ASN A 48 -0.05 6.80 1.06
C ASN A 48 -0.74 7.77 0.08
N ALA A 49 -0.66 7.59 -1.22
CA ALA A 49 -1.08 8.65 -2.20
C ALA A 49 -2.61 8.86 -2.16
N HIS A 50 -3.37 7.79 -2.14
CA HIS A 50 -4.86 7.85 -2.01
C HIS A 50 -5.28 8.76 -0.87
N ASP A 51 -4.86 8.40 0.36
CA ASP A 51 -5.27 9.13 1.53
C ASP A 51 -4.58 10.53 1.54
N LYS A 52 -3.35 10.59 1.08
CA LYS A 52 -2.69 11.89 1.03
C LYS A 52 -3.48 12.82 0.09
N LEU A 53 -3.91 12.34 -1.08
CA LEU A 53 -4.65 13.18 -1.99
C LEU A 53 -6.03 13.51 -1.42
N LEU A 54 -6.70 12.52 -0.83
CA LEU A 54 -8.01 12.85 -0.19
C LEU A 54 -7.84 13.87 0.90
N THR A 55 -6.74 13.76 1.67
CA THR A 55 -6.48 14.70 2.75
C THR A 55 -6.35 16.10 2.17
N ALA A 56 -5.65 16.19 1.03
CA ALA A 56 -5.46 17.50 0.33
C ALA A 56 -6.78 18.10 -0.09
N VAL A 57 -7.65 17.27 -0.63
CA VAL A 57 -9.02 17.64 -1.00
C VAL A 57 -9.78 18.08 0.26
N ALA A 58 -9.83 17.21 1.26
CA ALA A 58 -10.55 17.58 2.53
C ALA A 58 -10.02 18.91 3.08
N SER A 59 -8.74 19.23 2.84
CA SER A 59 -8.13 20.42 3.47
C SER A 59 -7.94 21.55 2.48
N LYS A 60 -8.43 21.35 1.23
CA LYS A 60 -8.42 22.33 0.15
C LYS A 60 -7.02 22.91 -0.05
N SER A 61 -6.00 22.11 0.23
CA SER A 61 -4.62 22.57 0.23
C SER A 61 -3.73 21.36 -0.06
N GLY A 62 -2.87 21.53 -1.05
CA GLY A 62 -2.01 20.49 -1.49
C GLY A 62 -1.03 20.95 -2.53
N PRO A 63 -0.61 20.03 -3.36
CA PRO A 63 0.34 20.39 -4.41
C PRO A 63 -0.27 21.26 -5.51
N ASP A 64 0.52 21.65 -6.46
CA ASP A 64 -0.04 22.31 -7.66
C ASP A 64 -0.22 21.32 -8.80
N VAL A 65 0.77 20.45 -9.02
CA VAL A 65 0.75 19.40 -10.06
C VAL A 65 0.84 18.05 -9.36
N VAL A 66 0.03 17.05 -9.79
CA VAL A 66 0.11 15.71 -9.18
C VAL A 66 0.17 14.63 -10.28
N GLN A 67 1.15 13.73 -10.12
CA GLN A 67 1.19 12.48 -10.89
C GLN A 67 -0.05 11.63 -10.56
N MET A 68 -0.92 11.30 -11.53
CA MET A 68 -2.15 10.48 -11.24
C MET A 68 -2.05 9.22 -12.08
N GLY A 69 -2.08 8.09 -11.39
CA GLY A 69 -2.22 6.80 -12.02
C GLY A 69 -3.54 6.75 -12.80
N THR A 70 -3.56 6.20 -14.01
CA THR A 70 -4.74 6.38 -14.80
C THR A 70 -5.95 5.76 -14.08
N THR A 71 -5.82 4.61 -13.44
CA THR A 71 -6.94 4.00 -12.79
C THR A 71 -7.45 4.85 -11.58
N TRP A 72 -6.70 5.83 -11.10
CA TRP A 72 -7.19 6.63 -9.96
C TRP A 72 -8.04 7.80 -10.47
N MET A 73 -8.06 8.06 -11.80
CA MET A 73 -8.68 9.32 -12.31
C MET A 73 -10.19 9.36 -12.00
N PRO A 74 -10.88 8.22 -12.14
CA PRO A 74 -12.31 8.13 -11.97
C PRO A 74 -12.71 8.64 -10.57
N GLU A 75 -11.91 8.35 -9.53
CA GLU A 75 -12.29 8.64 -8.12
C GLU A 75 -11.90 10.08 -7.75
N PHE A 76 -10.74 10.54 -8.22
CA PHE A 76 -10.25 11.85 -7.90
C PHE A 76 -10.99 12.91 -8.73
N VAL A 77 -11.51 12.56 -9.96
CA VAL A 77 -12.37 13.48 -10.63
C VAL A 77 -13.65 13.68 -9.83
N GLU A 78 -14.30 12.60 -9.42
CA GLU A 78 -15.54 12.68 -8.61
C GLU A 78 -15.30 13.39 -7.26
N ALA A 79 -14.14 13.19 -6.65
CA ALA A 79 -13.78 13.75 -5.36
C ALA A 79 -13.53 15.26 -5.45
N GLY A 80 -13.35 15.82 -6.65
CA GLY A 80 -13.11 17.22 -6.81
C GLY A 80 -11.67 17.59 -6.58
N ALA A 81 -10.73 16.67 -6.79
CA ALA A 81 -9.31 16.91 -6.48
C ALA A 81 -8.61 17.61 -7.67
N LEU A 82 -9.15 17.47 -8.92
CA LEU A 82 -8.44 17.74 -10.14
C LEU A 82 -9.18 18.85 -10.86
N LEU A 83 -8.41 19.86 -11.33
CA LEU A 83 -8.97 21.00 -11.99
C LEU A 83 -9.42 20.60 -13.40
N ASP A 84 -10.58 21.11 -13.76
CA ASP A 84 -11.04 21.12 -15.14
C ASP A 84 -10.14 22.05 -15.96
N ILE A 85 -9.34 21.48 -16.87
CA ILE A 85 -8.40 22.21 -17.68
C ILE A 85 -8.76 22.10 -19.18
N THR A 86 -10.03 21.83 -19.50
CA THR A 86 -10.40 21.54 -20.87
C THR A 86 -9.94 22.68 -21.82
N LYS A 87 -10.33 23.91 -21.50
CA LYS A 87 -10.07 25.12 -22.27
C LYS A 87 -8.55 25.29 -22.48
N ASP A 88 -7.80 25.18 -21.37
CA ASP A 88 -6.35 25.37 -21.34
C ASP A 88 -5.62 24.36 -22.23
N VAL A 89 -6.04 23.09 -22.26
CA VAL A 89 -5.28 22.14 -23.04
C VAL A 89 -5.64 22.25 -24.52
N GLU A 90 -6.89 22.59 -24.87
CA GLU A 90 -7.28 22.76 -26.31
C GLU A 90 -6.40 23.83 -27.00
N LYS A 91 -6.00 24.91 -26.31
CA LYS A 91 -5.20 25.99 -26.94
C LYS A 91 -3.70 25.81 -26.67
N SER A 92 -3.28 24.67 -26.13
CA SER A 92 -1.87 24.49 -25.75
C SER A 92 -1.06 24.13 -26.98
N LYS A 93 0.25 24.16 -26.85
CA LYS A 93 1.14 23.64 -27.89
C LYS A 93 1.24 22.11 -27.81
N ASN A 94 1.52 21.58 -26.60
CA ASN A 94 1.93 20.21 -26.47
C ASN A 94 0.92 19.38 -25.69
N MET A 95 -0.23 19.90 -25.29
CA MET A 95 -1.16 19.21 -24.39
C MET A 95 -2.50 18.91 -25.08
N ASN A 96 -2.65 19.24 -26.36
CA ASN A 96 -3.87 19.02 -27.09
C ASN A 96 -4.15 17.50 -27.12
N SER A 97 -5.42 17.10 -26.99
CA SER A 97 -5.75 15.66 -26.84
C SER A 97 -5.37 14.87 -28.10
N ASP A 98 -5.42 15.51 -29.29
CA ASP A 98 -5.09 14.81 -30.56
C ASP A 98 -3.62 14.35 -30.52
N LEU A 99 -2.78 14.97 -29.68
CA LEU A 99 -1.36 14.61 -29.65
C LEU A 99 -1.11 13.32 -28.85
N PHE A 100 -2.11 12.73 -28.15
CA PHE A 100 -1.84 11.56 -27.35
C PHE A 100 -2.66 10.35 -27.85
N PHE A 101 -2.19 9.17 -27.45
CA PHE A 101 -2.86 7.95 -27.76
C PHE A 101 -4.31 7.97 -27.26
N PRO A 102 -5.25 7.56 -28.12
CA PRO A 102 -6.63 7.78 -27.87
C PRO A 102 -7.07 7.16 -26.51
N GLY A 103 -6.51 6.04 -26.17
CA GLY A 103 -6.85 5.39 -24.94
C GLY A 103 -6.28 6.19 -23.76
N SER A 104 -5.09 6.75 -23.88
CA SER A 104 -4.53 7.61 -22.84
C SER A 104 -5.46 8.82 -22.62
N VAL A 105 -6.02 9.35 -23.72
CA VAL A 105 -6.92 10.48 -23.67
C VAL A 105 -8.19 10.12 -22.90
N LYS A 106 -8.75 8.92 -23.13
CA LYS A 106 -9.96 8.47 -22.46
C LYS A 106 -9.78 8.60 -20.93
N THR A 107 -8.55 8.37 -20.43
CA THR A 107 -8.32 8.39 -18.95
C THR A 107 -8.39 9.81 -18.37
N THR A 108 -8.44 10.82 -19.22
CA THR A 108 -8.42 12.23 -18.78
C THR A 108 -9.80 12.87 -18.87
N GLN A 109 -10.71 12.23 -19.56
CA GLN A 109 -11.96 12.83 -19.99
C GLN A 109 -13.15 12.21 -19.25
N PHE A 110 -13.97 13.05 -18.68
CA PHE A 110 -15.13 12.68 -17.82
C PHE A 110 -16.21 13.77 -17.99
N ASP A 111 -17.44 13.37 -18.31
CA ASP A 111 -18.58 14.32 -18.62
C ASP A 111 -18.05 15.41 -19.54
N GLY A 112 -17.16 15.07 -20.48
CA GLY A 112 -16.82 15.92 -21.62
C GLY A 112 -15.72 16.91 -21.27
N LYS A 113 -15.15 16.77 -20.07
CA LYS A 113 -14.18 17.71 -19.55
C LYS A 113 -12.82 17.00 -19.39
N THR A 114 -11.72 17.76 -19.44
CA THR A 114 -10.38 17.20 -19.35
C THR A 114 -9.78 17.54 -17.99
N TYR A 115 -9.29 16.52 -17.32
CA TYR A 115 -8.77 16.71 -15.89
C TYR A 115 -7.27 16.39 -15.75
N GLY A 116 -6.58 16.27 -16.88
CA GLY A 116 -5.18 15.98 -16.88
C GLY A 116 -4.65 15.82 -18.28
N VAL A 117 -3.34 15.67 -18.39
CA VAL A 117 -2.67 15.42 -19.65
C VAL A 117 -1.94 14.07 -19.57
N PRO A 118 -2.08 13.28 -20.61
CA PRO A 118 -1.41 11.91 -20.49
C PRO A 118 0.12 12.18 -20.46
N TRP A 119 0.84 11.50 -19.60
CA TRP A 119 2.25 11.75 -19.40
C TRP A 119 3.06 10.57 -19.98
N TYR A 120 2.92 9.38 -19.40
CA TYR A 120 3.49 8.15 -19.91
C TYR A 120 2.44 7.03 -19.89
N ALA A 121 2.59 6.09 -20.82
CA ALA A 121 1.59 5.08 -21.09
C ALA A 121 2.21 3.68 -20.98
N GLU A 122 1.41 2.74 -20.56
CA GLU A 122 1.84 1.33 -20.48
C GLU A 122 0.75 0.47 -21.11
N THR A 123 1.13 -0.56 -21.82
CA THR A 123 0.21 -1.51 -22.46
C THR A 123 0.86 -2.87 -22.37
N ARG A 124 0.09 -3.92 -22.62
CA ARG A 124 0.56 -5.32 -22.40
C ARG A 124 0.66 -6.01 -23.75
N VAL A 125 1.81 -6.63 -23.96
CA VAL A 125 2.15 -7.33 -25.17
C VAL A 125 2.62 -8.73 -24.78
N LEU A 126 2.67 -9.59 -25.78
CA LEU A 126 3.21 -10.99 -25.66
C LEU A 126 4.74 -10.95 -25.67
N PHE A 127 5.38 -11.56 -24.67
CA PHE A 127 6.80 -11.87 -24.69
C PHE A 127 6.93 -13.38 -25.02
N TYR A 128 7.78 -13.70 -25.97
CA TYR A 128 7.94 -15.09 -26.41
C TYR A 128 9.42 -15.38 -26.77
N ARG A 129 9.80 -16.65 -26.54
CA ARG A 129 11.07 -17.17 -26.95
C ARG A 129 10.99 -17.58 -28.42
N THR A 130 11.75 -16.91 -29.28
CA THR A 130 11.62 -17.06 -30.75
C THR A 130 12.12 -18.45 -31.21
N ASP A 131 13.21 -18.94 -30.59
CA ASP A 131 13.78 -20.26 -30.80
C ASP A 131 12.78 -21.33 -30.35
N LEU A 132 12.15 -21.16 -29.21
CA LEU A 132 11.23 -22.20 -28.67
C LEU A 132 9.94 -22.29 -29.49
N LEU A 133 9.44 -21.17 -29.95
CA LEU A 133 8.26 -21.15 -30.80
C LEU A 133 8.60 -21.83 -32.14
N LYS A 134 9.80 -21.57 -32.66
CA LYS A 134 10.31 -22.19 -33.90
C LYS A 134 10.39 -23.70 -33.69
N LYS A 135 10.84 -24.12 -32.51
CA LYS A 135 10.97 -25.52 -32.17
C LYS A 135 9.62 -26.25 -32.36
N VAL A 136 8.51 -25.67 -31.89
CA VAL A 136 7.17 -26.28 -31.99
C VAL A 136 6.44 -25.77 -33.25
N GLY A 137 7.16 -25.24 -34.24
CA GLY A 137 6.60 -25.11 -35.58
C GLY A 137 6.07 -23.72 -35.87
N TYR A 138 6.40 -22.74 -35.02
CA TYR A 138 5.92 -21.35 -35.18
C TYR A 138 7.11 -20.45 -35.47
N ASN A 139 7.13 -19.94 -36.71
CA ASN A 139 8.17 -19.06 -37.24
C ASN A 139 7.96 -17.65 -36.68
N GLU A 140 6.73 -17.34 -36.29
CA GLU A 140 6.33 -16.05 -35.77
C GLU A 140 5.58 -16.30 -34.44
N ALA A 141 5.31 -15.23 -33.71
CA ALA A 141 4.49 -15.34 -32.50
C ALA A 141 3.08 -15.86 -32.87
N PRO A 142 2.43 -16.64 -31.99
CA PRO A 142 1.02 -16.93 -32.22
C PRO A 142 0.19 -15.65 -32.53
N LYS A 143 -0.74 -15.75 -33.46
CA LYS A 143 -1.46 -14.58 -33.97
C LYS A 143 -2.93 -14.62 -33.56
N THR A 144 -3.38 -15.74 -33.06
CA THR A 144 -4.77 -15.96 -32.72
C THR A 144 -4.82 -16.70 -31.40
N TRP A 145 -5.99 -16.71 -30.77
CA TRP A 145 -6.24 -17.51 -29.58
C TRP A 145 -5.96 -18.99 -29.86
N ASP A 146 -6.39 -19.52 -31.01
CA ASP A 146 -6.19 -20.98 -31.30
C ASP A 146 -4.68 -21.28 -31.38
N GLU A 147 -3.93 -20.38 -31.99
CA GLU A 147 -2.49 -20.56 -32.10
C GLU A 147 -1.81 -20.42 -30.72
N LEU A 148 -2.25 -19.45 -29.92
CA LEU A 148 -1.65 -19.28 -28.62
C LEU A 148 -1.88 -20.60 -27.86
N SER A 149 -3.11 -21.07 -27.88
CA SER A 149 -3.48 -22.39 -27.26
C SER A 149 -2.58 -23.50 -27.81
N ASP A 150 -2.46 -23.59 -29.13
CA ASP A 150 -1.78 -24.72 -29.78
C ASP A 150 -0.28 -24.68 -29.44
N ALA A 151 0.34 -23.54 -29.69
CA ALA A 151 1.78 -23.31 -29.36
C ALA A 151 2.06 -23.59 -27.89
N ALA A 152 1.16 -23.18 -27.03
CA ALA A 152 1.43 -23.41 -25.58
C ALA A 152 1.34 -24.89 -25.20
N LEU A 153 0.38 -25.61 -25.76
CA LEU A 153 0.21 -27.05 -25.36
C LEU A 153 1.47 -27.82 -25.81
N LYS A 154 1.92 -27.54 -27.04
CA LYS A 154 3.15 -28.15 -27.56
C LYS A 154 4.36 -27.84 -26.68
N LEU A 155 4.54 -26.58 -26.31
CA LEU A 155 5.73 -26.21 -25.48
C LEU A 155 5.67 -26.92 -24.13
N SER A 156 4.48 -27.15 -23.59
CA SER A 156 4.33 -27.88 -22.28
C SER A 156 4.76 -29.35 -22.34
N LYS A 157 4.91 -29.92 -23.52
CA LYS A 157 5.26 -31.35 -23.69
C LYS A 157 6.78 -31.50 -23.88
N ARG A 158 7.53 -30.48 -23.53
CA ARG A 158 9.01 -30.51 -23.62
C ARG A 158 9.57 -31.35 -22.47
N GLY A 159 8.93 -31.30 -21.31
CA GLY A 159 9.44 -32.01 -20.14
C GLY A 159 8.44 -31.98 -19.01
N LYS A 160 8.75 -32.69 -17.92
CA LYS A 160 7.93 -32.73 -16.68
C LYS A 160 7.38 -31.32 -16.26
N ASP A 161 8.24 -30.41 -15.87
CA ASP A 161 7.80 -29.10 -15.32
C ASP A 161 8.02 -27.98 -16.35
N MET A 162 7.72 -28.24 -17.60
CA MET A 162 7.79 -27.30 -18.70
C MET A 162 6.36 -26.81 -19.03
N TYR A 163 6.24 -25.52 -19.42
CA TYR A 163 4.98 -24.89 -19.64
C TYR A 163 4.96 -24.27 -21.03
N GLY A 164 3.87 -23.56 -21.35
CA GLY A 164 3.73 -22.87 -22.67
C GLY A 164 3.39 -21.40 -22.56
N PHE A 165 2.68 -21.00 -21.51
CA PHE A 165 2.07 -19.71 -21.36
C PHE A 165 1.73 -19.44 -19.90
N ALA A 166 1.94 -18.21 -19.47
CA ALA A 166 1.68 -17.85 -18.07
C ALA A 166 0.43 -16.97 -17.99
N ILE A 167 -0.49 -17.40 -17.16
CA ILE A 167 -1.58 -16.58 -16.76
C ILE A 167 -1.27 -16.17 -15.31
N ASP A 168 -0.96 -14.89 -15.10
CA ASP A 168 -0.63 -14.40 -13.78
C ASP A 168 -1.91 -14.29 -12.95
N PRO A 169 -2.02 -15.04 -11.87
CA PRO A 169 -3.25 -14.97 -11.13
C PRO A 169 -3.49 -13.67 -10.34
N ASN A 170 -2.50 -12.77 -10.30
CA ASN A 170 -2.70 -11.51 -9.56
C ASN A 170 -2.71 -10.30 -10.50
N GLU A 171 -2.54 -10.54 -11.80
CA GLU A 171 -2.59 -9.54 -12.85
C GLU A 171 -4.05 -9.16 -13.07
N GLN A 172 -4.34 -7.89 -12.76
CA GLN A 172 -5.72 -7.43 -12.72
C GLN A 172 -6.30 -7.34 -14.13
N THR A 173 -5.45 -7.08 -15.15
CA THR A 173 -5.89 -6.71 -16.46
C THR A 173 -6.30 -7.97 -17.25
N THR A 174 -5.75 -9.12 -16.96
CA THR A 174 -5.64 -10.21 -17.90
C THR A 174 -7.04 -10.74 -18.33
N GLY A 175 -7.85 -11.18 -17.37
CA GLY A 175 -9.20 -11.59 -17.56
C GLY A 175 -9.97 -10.64 -18.47
N PHE A 176 -9.87 -9.35 -18.14
CA PHE A 176 -10.72 -8.35 -18.90
C PHE A 176 -10.19 -8.07 -20.30
N ILE A 177 -8.87 -8.12 -20.47
CA ILE A 177 -8.29 -7.94 -21.79
C ILE A 177 -8.78 -9.05 -22.72
N PHE A 178 -8.68 -10.33 -22.25
CA PHE A 178 -9.14 -11.46 -23.04
C PHE A 178 -10.65 -11.33 -23.24
N GLY A 179 -11.39 -10.89 -22.20
CA GLY A 179 -12.88 -10.77 -22.35
C GLY A 179 -13.27 -9.86 -23.51
N ARG A 180 -12.60 -8.69 -23.63
CA ARG A 180 -12.92 -7.73 -24.67
C ARG A 180 -12.53 -8.27 -26.03
N GLN A 181 -11.44 -9.00 -26.07
CA GLN A 181 -10.98 -9.59 -27.30
C GLN A 181 -12.05 -10.50 -27.87
N ASN A 182 -12.79 -11.22 -26.97
CA ASN A 182 -13.86 -12.12 -27.42
C ASN A 182 -15.18 -11.36 -27.58
N GLY A 183 -15.14 -10.01 -27.53
CA GLY A 183 -16.30 -9.15 -27.76
C GLY A 183 -17.14 -8.93 -26.53
N SER A 184 -16.68 -9.28 -25.33
CA SER A 184 -17.41 -8.82 -24.15
C SER A 184 -17.15 -7.33 -23.96
N PRO A 185 -18.22 -6.52 -23.75
CA PRO A 185 -18.00 -5.18 -23.36
C PRO A 185 -17.72 -5.01 -21.86
N LEU A 186 -17.85 -6.08 -21.06
CA LEU A 186 -17.68 -6.14 -19.56
C LEU A 186 -18.89 -5.48 -18.86
N PHE A 187 -19.26 -4.25 -19.24
CA PHE A 187 -20.51 -3.63 -18.76
C PHE A 187 -21.31 -3.22 -19.99
N ASP A 188 -22.61 -3.38 -19.93
CA ASP A 188 -23.46 -3.05 -21.11
C ASP A 188 -23.71 -1.53 -21.13
N LYS A 189 -24.64 -1.11 -21.98
CA LYS A 189 -24.99 0.29 -22.15
C LYS A 189 -25.56 0.87 -20.85
N ASP A 190 -26.29 0.09 -20.06
CA ASP A 190 -26.87 0.62 -18.80
C ASP A 190 -25.90 0.44 -17.62
N GLY A 191 -24.62 0.20 -17.84
CA GLY A 191 -23.68 -0.06 -16.76
C GLY A 191 -23.86 -1.42 -16.08
N THR A 192 -24.67 -2.33 -16.65
CA THR A 192 -24.93 -3.63 -16.00
C THR A 192 -23.75 -4.56 -16.27
N PRO A 193 -23.22 -5.23 -15.21
CA PRO A 193 -22.09 -6.12 -15.45
C PRO A 193 -22.60 -7.33 -16.28
N VAL A 194 -21.78 -7.84 -17.21
CA VAL A 194 -22.18 -8.99 -18.07
C VAL A 194 -21.06 -10.06 -18.07
N PHE A 195 -20.41 -10.20 -16.91
CA PHE A 195 -19.37 -11.20 -16.72
C PHE A 195 -19.94 -12.63 -16.80
N ASN A 196 -21.26 -12.79 -16.68
CA ASN A 196 -21.85 -14.12 -16.71
C ASN A 196 -22.55 -14.43 -18.05
N LYS A 197 -22.32 -13.60 -19.04
CA LYS A 197 -22.86 -13.81 -20.36
C LYS A 197 -21.80 -14.48 -21.23
N LYS A 198 -22.24 -15.05 -22.37
CA LYS A 198 -21.45 -16.08 -23.07
C LYS A 198 -20.07 -15.56 -23.53
N PRO A 199 -19.98 -14.31 -24.07
CA PRO A 199 -18.63 -13.85 -24.50
C PRO A 199 -17.65 -13.82 -23.29
N PHE A 200 -18.07 -13.47 -22.09
CA PHE A 200 -17.09 -13.45 -21.02
C PHE A 200 -16.89 -14.88 -20.48
N VAL A 201 -17.99 -15.63 -20.36
CA VAL A 201 -17.90 -17.03 -19.84
C VAL A 201 -16.99 -17.88 -20.74
N ASP A 202 -17.07 -17.67 -22.05
CA ASP A 202 -16.30 -18.49 -23.00
C ASP A 202 -14.83 -18.06 -22.90
N THR A 203 -14.60 -16.78 -22.62
CA THR A 203 -13.22 -16.32 -22.41
C THR A 203 -12.58 -17.00 -21.19
N VAL A 204 -13.27 -17.01 -20.07
CA VAL A 204 -12.76 -17.69 -18.88
C VAL A 204 -12.60 -19.22 -19.08
N THR A 205 -13.52 -19.85 -19.77
CA THR A 205 -13.29 -21.31 -20.20
C THR A 205 -11.96 -21.40 -20.97
N TYR A 206 -11.72 -20.47 -21.91
CA TYR A 206 -10.50 -20.53 -22.72
C TYR A 206 -9.24 -20.32 -21.85
N LEU A 207 -9.30 -19.41 -20.93
CA LEU A 207 -8.11 -19.21 -20.03
C LEU A 207 -7.93 -20.43 -19.17
N ASP A 208 -9.04 -20.95 -18.64
CA ASP A 208 -9.01 -22.18 -17.82
C ASP A 208 -8.40 -23.37 -18.57
N SER A 209 -8.46 -23.44 -19.90
CA SER A 209 -8.00 -24.64 -20.65
C SER A 209 -6.47 -24.78 -20.55
N PHE A 210 -5.74 -23.64 -20.44
CA PHE A 210 -4.28 -23.71 -20.34
C PHE A 210 -3.95 -24.33 -18.96
N ILE A 211 -4.72 -24.00 -17.97
CA ILE A 211 -4.52 -24.62 -16.64
C ILE A 211 -4.85 -26.13 -16.67
N LYS A 212 -6.04 -26.48 -17.15
CA LYS A 212 -6.49 -27.90 -17.12
C LYS A 212 -5.59 -28.79 -17.97
N ASN A 213 -5.05 -28.28 -19.08
CA ASN A 213 -4.20 -29.04 -19.98
C ASN A 213 -2.72 -29.05 -19.57
N GLY A 214 -2.36 -28.31 -18.52
CA GLY A 214 -0.98 -28.30 -17.95
C GLY A 214 -0.02 -27.41 -18.74
N SER A 215 -0.52 -26.52 -19.58
CA SER A 215 0.36 -25.58 -20.38
C SER A 215 0.59 -24.24 -19.69
N ALA A 216 -0.18 -23.93 -18.64
CA ALA A 216 0.06 -22.75 -17.82
C ALA A 216 0.23 -23.19 -16.38
N PRO A 217 1.20 -22.64 -15.66
CA PRO A 217 1.34 -23.10 -14.29
C PRO A 217 0.13 -22.78 -13.41
N ASP A 218 -0.25 -23.74 -12.51
CA ASP A 218 -1.39 -23.54 -11.68
C ASP A 218 -0.97 -23.31 -10.20
N THR A 219 0.31 -23.06 -9.96
CA THR A 219 0.89 -22.73 -8.65
C THR A 219 2.02 -21.71 -8.89
N ASP A 220 2.48 -21.16 -7.81
CA ASP A 220 3.61 -20.23 -7.82
C ASP A 220 4.90 -21.06 -7.99
N LEU A 221 5.58 -20.90 -9.11
CA LEU A 221 6.79 -21.72 -9.34
C LEU A 221 8.01 -21.09 -8.60
N GLY A 222 7.89 -19.86 -8.08
CA GLY A 222 9.00 -19.20 -7.41
C GLY A 222 10.16 -18.93 -8.38
N LEU A 223 9.83 -18.67 -9.67
CA LEU A 223 10.86 -18.30 -10.60
C LEU A 223 10.75 -16.80 -10.90
N ASP A 224 11.84 -16.06 -10.90
CA ASP A 224 11.82 -14.68 -11.43
C ASP A 224 11.82 -14.76 -12.97
N ALA A 225 11.77 -13.61 -13.62
CA ALA A 225 11.60 -13.60 -15.07
C ALA A 225 12.80 -14.30 -15.72
N SER A 226 13.99 -14.05 -15.21
CA SER A 226 15.18 -14.64 -15.78
C SER A 226 15.11 -16.18 -15.75
N GLN A 227 14.67 -16.68 -14.58
CA GLN A 227 14.68 -18.06 -14.27
C GLN A 227 13.59 -18.82 -15.07
N SER A 228 12.44 -18.17 -15.30
CA SER A 228 11.31 -18.77 -15.94
C SER A 228 11.41 -18.58 -17.45
N PHE A 229 11.82 -17.44 -17.93
CA PHE A 229 11.83 -17.14 -19.32
C PHE A 229 13.19 -17.43 -19.96
N GLY A 230 14.25 -17.27 -19.17
CA GLY A 230 15.61 -17.47 -19.65
C GLY A 230 15.97 -18.94 -19.61
N GLY A 231 17.22 -19.27 -19.90
CA GLY A 231 17.64 -20.66 -19.75
C GLY A 231 16.95 -21.53 -20.78
N ASP A 232 16.35 -22.63 -20.29
CA ASP A 232 15.57 -23.53 -21.15
C ASP A 232 14.13 -23.02 -21.32
N GLY A 233 13.71 -21.94 -20.68
CA GLY A 233 12.42 -21.32 -21.04
C GLY A 233 11.22 -22.14 -20.57
N ILE A 234 11.22 -22.39 -19.26
CA ILE A 234 10.22 -23.12 -18.54
C ILE A 234 8.84 -22.55 -18.85
N VAL A 235 8.70 -21.21 -18.83
CA VAL A 235 7.48 -20.52 -19.21
C VAL A 235 7.89 -19.61 -20.36
N PRO A 236 7.73 -20.12 -21.59
CA PRO A 236 8.36 -19.51 -22.79
C PRO A 236 7.56 -18.38 -23.44
N MET A 237 6.33 -18.17 -22.98
CA MET A 237 5.42 -17.10 -23.40
C MET A 237 4.76 -16.48 -22.16
N PHE A 238 4.67 -15.20 -22.11
CA PHE A 238 3.91 -14.51 -21.09
C PHE A 238 3.50 -13.10 -21.56
N MET A 239 2.67 -12.45 -20.75
CA MET A 239 2.26 -11.09 -21.04
C MET A 239 2.86 -10.12 -20.00
N SER A 240 3.34 -9.00 -20.49
CA SER A 240 3.81 -7.95 -19.53
C SER A 240 3.87 -6.58 -20.18
N GLY A 241 4.27 -5.61 -19.36
CA GLY A 241 4.42 -4.21 -19.78
C GLY A 241 5.84 -3.86 -20.19
N PRO A 242 6.06 -2.57 -20.60
CA PRO A 242 7.30 -2.16 -21.14
C PRO A 242 8.51 -2.38 -20.22
N TRP A 243 8.30 -2.24 -18.86
CA TRP A 243 9.32 -2.46 -17.86
C TRP A 243 10.03 -3.83 -18.05
N MET A 244 9.32 -4.82 -18.56
CA MET A 244 9.88 -6.21 -18.68
C MET A 244 10.99 -6.23 -19.77
N VAL A 245 11.00 -5.28 -20.73
CA VAL A 245 12.07 -5.27 -21.76
C VAL A 245 13.42 -5.11 -21.05
N ASN A 246 13.55 -3.96 -20.39
CA ASN A 246 14.65 -3.62 -19.48
C ASN A 246 15.04 -4.77 -18.51
N THR A 247 14.08 -5.32 -17.81
CA THR A 247 14.37 -6.48 -16.90
C THR A 247 14.98 -7.67 -17.68
N LEU A 248 14.45 -8.03 -18.82
CA LEU A 248 15.00 -9.20 -19.53
C LEU A 248 16.44 -8.92 -20.02
N LYS A 249 16.66 -7.71 -20.56
CA LYS A 249 17.99 -7.34 -21.06
C LYS A 249 19.01 -7.31 -19.91
N ASP A 250 18.60 -6.79 -18.75
CA ASP A 250 19.48 -6.71 -17.62
C ASP A 250 19.66 -8.09 -16.95
N THR A 251 18.63 -8.93 -16.81
CA THR A 251 18.76 -10.08 -15.89
C THR A 251 18.88 -11.40 -16.66
N ALA A 252 18.66 -11.41 -17.97
CA ALA A 252 18.68 -12.68 -18.70
C ALA A 252 19.46 -12.52 -20.01
N PRO A 253 20.73 -12.09 -19.90
CA PRO A 253 21.57 -11.92 -21.09
C PRO A 253 21.79 -13.24 -21.85
N ASP A 254 21.67 -14.39 -21.20
CA ASP A 254 21.80 -15.68 -21.93
C ASP A 254 20.81 -15.77 -23.12
N ILE A 255 19.64 -15.10 -23.08
CA ILE A 255 18.68 -15.25 -24.19
C ILE A 255 18.71 -14.05 -25.15
N ASP A 256 19.84 -13.35 -25.24
CA ASP A 256 19.95 -12.25 -26.19
C ASP A 256 19.83 -12.80 -27.62
N GLY A 257 18.93 -12.24 -28.42
CA GLY A 257 18.68 -12.71 -29.76
C GLY A 257 17.79 -13.94 -29.80
N LYS A 258 17.22 -14.33 -28.66
CA LYS A 258 16.37 -15.53 -28.60
C LYS A 258 14.95 -15.17 -28.14
N TRP A 259 14.62 -13.86 -28.03
CA TRP A 259 13.29 -13.45 -27.61
C TRP A 259 12.81 -12.18 -28.33
N ALA A 260 11.51 -12.00 -28.35
CA ALA A 260 10.94 -10.80 -28.90
C ALA A 260 9.63 -10.48 -28.18
N THR A 261 9.15 -9.30 -28.47
CA THR A 261 7.82 -8.93 -28.12
C THR A 261 6.97 -9.13 -29.38
N ALA A 262 5.69 -9.38 -29.20
CA ALA A 262 4.73 -9.34 -30.30
C ALA A 262 3.42 -8.73 -29.79
N VAL A 263 2.59 -8.29 -30.72
CA VAL A 263 1.24 -7.81 -30.37
C VAL A 263 0.44 -9.02 -29.89
N LEU A 264 -0.52 -8.77 -28.99
CA LEU A 264 -1.34 -9.88 -28.43
C LEU A 264 -2.03 -10.67 -29.55
N PRO A 265 -2.24 -11.98 -29.31
CA PRO A 265 -3.01 -12.77 -30.26
C PRO A 265 -4.46 -12.26 -30.34
N LYS A 266 -5.00 -12.38 -31.57
CA LYS A 266 -6.36 -11.93 -31.93
C LYS A 266 -7.40 -13.06 -31.72
N LYS A 267 -8.58 -12.63 -31.30
CA LYS A 267 -9.83 -13.38 -31.29
C LYS A 267 -10.82 -12.64 -32.19
N GLU A 268 -11.78 -11.87 -31.66
CA GLU A 268 -12.49 -10.90 -32.50
C GLU A 268 -11.61 -9.68 -32.72
N ASN A 269 -10.89 -9.28 -31.67
CA ASN A 269 -9.85 -8.25 -31.86
C ASN A 269 -8.64 -8.70 -31.02
N ASN A 270 -7.55 -7.96 -31.09
CA ASN A 270 -6.36 -8.25 -30.27
C ASN A 270 -6.05 -7.08 -29.32
N GLU A 271 -7.03 -6.29 -28.94
CA GLU A 271 -6.74 -4.99 -28.19
C GLU A 271 -6.24 -5.35 -26.77
N SER A 272 -5.31 -4.55 -26.29
CA SER A 272 -4.72 -4.72 -24.95
C SER A 272 -5.29 -3.67 -23.99
N SER A 273 -4.77 -3.69 -22.77
CA SER A 273 -5.10 -2.69 -21.76
C SER A 273 -4.27 -1.43 -21.97
N LEU A 274 -4.67 -0.36 -21.32
CA LEU A 274 -3.85 0.90 -21.43
C LEU A 274 -3.86 1.52 -20.05
N GLY A 275 -2.69 1.73 -19.53
CA GLY A 275 -2.52 2.31 -18.19
C GLY A 275 -1.40 3.36 -18.22
N GLY A 276 -0.82 3.67 -17.05
CA GLY A 276 0.31 4.58 -16.86
C GLY A 276 -0.08 5.76 -15.99
N ALA A 277 0.41 6.98 -16.34
CA ALA A 277 0.19 8.14 -15.49
C ALA A 277 -0.08 9.38 -16.32
N ASN A 278 -0.84 10.27 -15.71
CA ASN A 278 -1.22 11.54 -16.21
C ASN A 278 -0.72 12.63 -15.22
N LEU A 279 -0.55 13.84 -15.70
CA LEU A 279 -0.25 14.99 -14.86
C LEU A 279 -1.53 15.84 -14.84
N SER A 280 -1.90 16.28 -13.66
CA SER A 280 -3.11 16.98 -13.47
C SER A 280 -2.82 18.16 -12.57
N ILE A 281 -3.71 19.12 -12.58
CA ILE A 281 -3.54 20.26 -11.60
C ILE A 281 -4.44 20.00 -10.39
N PHE A 282 -3.92 20.18 -9.19
CA PHE A 282 -4.80 20.11 -8.02
C PHE A 282 -5.81 21.28 -8.12
N LYS A 283 -7.07 20.99 -7.86
CA LYS A 283 -8.20 21.90 -8.06
C LYS A 283 -7.99 23.28 -7.40
N TYR A 284 -7.41 23.32 -6.19
CA TYR A 284 -7.26 24.53 -5.44
C TYR A 284 -5.84 25.09 -5.61
N SER A 285 -5.12 24.71 -6.66
CA SER A 285 -3.82 25.33 -6.92
C SER A 285 -4.01 26.85 -7.10
N ASN A 286 -3.05 27.61 -6.56
CA ASN A 286 -3.01 29.05 -6.72
C ASN A 286 -1.97 29.42 -7.78
N LYS A 287 -1.49 28.47 -8.58
CA LYS A 287 -0.42 28.68 -9.57
C LYS A 287 -0.76 27.91 -10.86
N LYS A 288 -2.01 27.99 -11.28
CA LYS A 288 -2.45 27.25 -12.44
C LYS A 288 -1.53 27.53 -13.63
N ASP A 289 -1.15 28.78 -13.80
CA ASP A 289 -0.42 29.20 -15.02
C ASP A 289 0.92 28.47 -15.08
N ASP A 290 1.60 28.43 -13.95
CA ASP A 290 2.94 27.83 -13.85
C ASP A 290 2.79 26.29 -13.92
N ALA A 291 1.73 25.74 -13.34
CA ALA A 291 1.39 24.29 -13.44
C ALA A 291 1.23 23.86 -14.90
N LEU A 292 0.42 24.58 -15.68
CA LEU A 292 0.25 24.34 -17.11
C LEU A 292 1.61 24.46 -17.83
N LYS A 293 2.47 25.37 -17.38
CA LYS A 293 3.76 25.49 -18.07
C LYS A 293 4.63 24.25 -17.77
N PHE A 294 4.62 23.78 -16.54
CA PHE A 294 5.40 22.62 -16.17
C PHE A 294 4.86 21.42 -16.95
N MET A 295 3.54 21.32 -17.04
CA MET A 295 2.90 20.18 -17.76
C MET A 295 3.20 20.24 -19.27
N ASP A 296 3.26 21.43 -19.82
CA ASP A 296 3.48 21.55 -21.30
C ASP A 296 4.95 21.19 -21.61
N TYR A 297 5.87 21.57 -20.74
CA TYR A 297 7.23 21.09 -20.90
C TYR A 297 7.30 19.54 -20.88
N MET A 298 6.64 18.90 -19.90
CA MET A 298 6.67 17.44 -19.78
C MET A 298 5.94 16.77 -20.97
N SER A 299 5.09 17.51 -21.69
CA SER A 299 4.35 16.97 -22.86
C SER A 299 5.15 17.14 -24.18
N GLN A 300 6.29 17.83 -24.13
CA GLN A 300 7.12 18.00 -25.33
C GLN A 300 7.75 16.65 -25.69
N PRO A 301 7.86 16.34 -27.00
CA PRO A 301 8.40 15.08 -27.46
C PRO A 301 9.82 14.76 -26.92
N ASP A 302 10.73 15.70 -26.94
CA ASP A 302 12.11 15.48 -26.53
C ASP A 302 12.21 15.23 -25.01
N VAL A 303 11.35 15.87 -24.24
CA VAL A 303 11.31 15.60 -22.76
C VAL A 303 10.71 14.21 -22.51
N GLN A 304 9.70 13.83 -23.32
CA GLN A 304 9.11 12.50 -23.17
C GLN A 304 10.20 11.45 -23.45
N LEU A 305 11.10 11.74 -24.41
CA LEU A 305 12.18 10.80 -24.80
C LEU A 305 13.26 10.77 -23.71
N SER A 306 13.56 11.91 -23.15
CA SER A 306 14.52 11.94 -22.01
C SER A 306 13.98 11.15 -20.83
N TRP A 307 12.68 11.33 -20.57
CA TRP A 307 12.01 10.61 -19.48
C TRP A 307 12.15 9.11 -19.72
N LEU A 308 11.95 8.74 -21.03
CA LEU A 308 11.99 7.30 -21.45
C LEU A 308 13.38 6.73 -21.15
N LYS A 309 14.40 7.55 -21.38
CA LYS A 309 15.80 7.14 -21.17
C LYS A 309 16.11 7.00 -19.68
N ASP A 310 15.62 7.92 -18.85
CA ASP A 310 15.91 7.89 -17.42
C ASP A 310 15.06 6.86 -16.67
N THR A 311 13.91 6.44 -17.20
CA THR A 311 13.02 5.65 -16.43
C THR A 311 12.36 4.50 -17.23
N ASN A 312 12.56 4.42 -18.57
CA ASN A 312 11.96 3.39 -19.43
C ASN A 312 10.42 3.43 -19.43
N SER A 313 9.83 4.61 -19.21
CA SER A 313 8.39 4.80 -19.27
C SER A 313 8.07 5.21 -20.69
N MET A 314 7.10 4.59 -21.33
CA MET A 314 6.88 4.87 -22.75
C MET A 314 6.14 6.20 -22.89
N PRO A 315 6.44 6.97 -23.95
CA PRO A 315 5.75 8.18 -24.17
C PRO A 315 4.26 8.03 -24.45
N ALA A 316 3.45 8.91 -23.84
CA ALA A 316 2.08 9.06 -24.26
C ALA A 316 1.96 9.99 -25.47
N ARG A 317 2.92 10.89 -25.63
CA ARG A 317 2.92 11.84 -26.72
C ARG A 317 3.30 11.12 -28.00
N MET A 318 2.37 11.06 -28.94
CA MET A 318 2.54 10.23 -30.21
C MET A 318 3.73 10.70 -31.03
N ASP A 319 3.93 12.00 -31.12
CA ASP A 319 5.07 12.49 -31.90
C ASP A 319 6.40 11.93 -31.37
N ALA A 320 6.54 11.59 -30.07
CA ALA A 320 7.84 11.12 -29.56
C ALA A 320 8.21 9.79 -30.25
N TRP A 321 7.20 9.12 -30.73
CA TRP A 321 7.35 7.77 -31.28
C TRP A 321 7.97 7.80 -32.69
N GLU A 322 8.05 8.96 -33.31
CA GLU A 322 8.82 9.23 -34.55
C GLU A 322 10.34 9.24 -34.30
N ASP A 323 10.78 9.20 -33.06
CA ASP A 323 12.20 9.06 -32.83
C ASP A 323 12.63 7.62 -33.12
N ASP A 324 13.87 7.48 -33.56
CA ASP A 324 14.47 6.19 -33.95
C ASP A 324 14.60 5.25 -32.74
N MET A 325 14.76 5.83 -31.54
CA MET A 325 14.96 4.95 -30.32
C MET A 325 13.67 4.20 -30.01
N LEU A 326 12.53 4.58 -30.61
CA LEU A 326 11.27 3.86 -30.46
C LEU A 326 10.86 3.20 -31.78
N LYS A 327 10.76 4.04 -32.80
CA LYS A 327 10.34 3.66 -34.20
C LYS A 327 11.03 2.36 -34.64
N ASN A 328 12.33 2.26 -34.40
CA ASN A 328 13.21 1.25 -35.03
C ASN A 328 13.81 0.34 -33.97
N ASP A 329 13.22 0.33 -32.79
CA ASP A 329 13.67 -0.60 -31.75
C ASP A 329 12.80 -1.85 -31.91
N PRO A 330 13.40 -3.01 -32.04
CA PRO A 330 12.53 -4.16 -32.27
C PRO A 330 11.61 -4.50 -31.07
N TYR A 331 11.97 -4.13 -29.86
CA TYR A 331 11.07 -4.43 -28.67
C TYR A 331 9.96 -3.37 -28.53
N TYR A 332 10.35 -2.07 -28.53
CA TYR A 332 9.43 -1.02 -28.15
C TYR A 332 8.45 -0.77 -29.31
N LYS A 333 8.84 -0.94 -30.57
CA LYS A 333 7.91 -0.63 -31.67
C LYS A 333 6.62 -1.44 -31.47
N VAL A 334 6.72 -2.64 -30.92
CA VAL A 334 5.55 -3.47 -30.75
C VAL A 334 4.63 -2.82 -29.70
N PHE A 335 5.18 -2.27 -28.60
CA PHE A 335 4.37 -1.54 -27.63
C PHE A 335 3.70 -0.34 -28.32
N GLY A 336 4.43 0.33 -29.18
CA GLY A 336 3.84 1.48 -30.00
C GLY A 336 2.62 1.06 -30.80
N GLU A 337 2.74 -0.12 -31.45
CA GLU A 337 1.63 -0.63 -32.28
C GLU A 337 0.44 -0.99 -31.39
N GLN A 338 0.69 -1.70 -30.32
CA GLN A 338 -0.37 -2.12 -29.39
C GLN A 338 -1.06 -0.87 -28.82
N MET A 339 -0.26 0.16 -28.52
CA MET A 339 -0.79 1.41 -27.87
C MET A 339 -1.91 2.03 -28.71
N LYS A 340 -1.78 1.92 -30.05
CA LYS A 340 -2.66 2.54 -30.97
C LYS A 340 -4.11 2.16 -30.74
N THR A 341 -4.42 0.94 -30.33
CA THR A 341 -5.83 0.55 -30.19
C THR A 341 -6.12 0.14 -28.73
N ALA A 342 -5.18 0.34 -27.81
CA ALA A 342 -5.37 -0.22 -26.47
C ALA A 342 -6.42 0.60 -25.71
N GLU A 343 -7.09 -0.07 -24.80
CA GLU A 343 -8.24 0.45 -24.13
C GLU A 343 -8.03 0.38 -22.63
N PRO A 344 -8.15 1.53 -21.93
CA PRO A 344 -8.09 1.43 -20.48
C PRO A 344 -9.21 0.54 -19.93
N MET A 345 -8.88 -0.11 -18.79
CA MET A 345 -9.84 -0.87 -17.98
C MET A 345 -10.97 0.10 -17.64
N PRO A 346 -12.18 -0.44 -17.43
CA PRO A 346 -13.28 0.48 -17.28
C PRO A 346 -13.01 1.54 -16.19
N LEU A 347 -13.21 2.79 -16.55
CA LEU A 347 -12.75 3.91 -15.67
C LEU A 347 -13.84 4.23 -14.66
N ILE A 348 -13.93 3.40 -13.63
CA ILE A 348 -14.85 3.60 -12.52
C ILE A 348 -14.09 3.42 -11.21
N PRO A 349 -14.62 3.98 -10.13
CA PRO A 349 -13.71 4.13 -8.96
C PRO A 349 -13.38 2.80 -8.27
N GLN A 350 -14.26 1.84 -8.37
CA GLN A 350 -14.06 0.56 -7.69
C GLN A 350 -13.65 -0.54 -8.67
N PHE A 351 -13.04 -0.21 -9.77
CA PHE A 351 -12.55 -1.24 -10.71
C PHE A 351 -11.60 -2.22 -10.00
N GLU A 352 -10.73 -1.72 -9.13
CA GLU A 352 -9.67 -2.53 -8.55
C GLU A 352 -10.31 -3.60 -7.68
N GLU A 353 -11.38 -3.25 -6.98
CA GLU A 353 -12.23 -4.23 -6.26
C GLU A 353 -12.85 -5.26 -7.20
N ILE A 354 -13.35 -4.84 -8.36
CA ILE A 354 -13.95 -5.72 -9.31
C ILE A 354 -12.86 -6.65 -9.90
N ALA A 355 -11.65 -6.15 -10.12
CA ALA A 355 -10.51 -6.94 -10.59
C ALA A 355 -10.20 -8.00 -9.54
N GLN A 356 -10.27 -7.57 -8.31
CA GLN A 356 -10.00 -8.45 -7.16
C GLN A 356 -11.06 -9.55 -7.03
N LEU A 357 -12.35 -9.23 -7.15
CA LEU A 357 -13.38 -10.22 -7.13
C LEU A 357 -13.13 -11.20 -8.27
N TYR A 358 -12.70 -10.66 -9.46
CA TYR A 358 -12.42 -11.51 -10.59
C TYR A 358 -11.31 -12.51 -10.21
N GLY A 359 -10.26 -11.98 -9.59
CA GLY A 359 -9.14 -12.81 -9.14
C GLY A 359 -9.60 -14.00 -8.33
N LYS A 360 -10.51 -13.75 -7.38
CA LYS A 360 -11.03 -14.84 -6.49
C LYS A 360 -11.81 -15.88 -7.30
N SER A 361 -12.72 -15.41 -8.13
CA SER A 361 -13.48 -16.34 -9.04
C SER A 361 -12.52 -17.15 -9.91
N TRP A 362 -11.47 -16.51 -10.41
CA TRP A 362 -10.51 -17.20 -11.24
C TRP A 362 -9.82 -18.33 -10.48
N GLU A 363 -9.47 -18.02 -9.26
CA GLU A 363 -8.88 -18.99 -8.38
C GLU A 363 -9.80 -20.20 -8.13
N GLN A 364 -11.08 -19.95 -7.90
CA GLN A 364 -12.03 -20.99 -7.59
C GLN A 364 -12.17 -21.93 -8.78
N ILE A 365 -12.00 -21.41 -10.01
CA ILE A 365 -11.95 -22.16 -11.25
C ILE A 365 -10.60 -22.89 -11.35
N TYR A 366 -9.50 -22.17 -11.47
CA TYR A 366 -8.22 -22.81 -11.86
C TYR A 366 -7.70 -23.73 -10.75
N ARG A 367 -7.98 -23.42 -9.48
CA ARG A 367 -7.43 -24.18 -8.36
C ARG A 367 -8.51 -25.09 -7.77
N GLY A 368 -9.75 -24.59 -7.59
CA GLY A 368 -10.81 -25.30 -6.86
C GLY A 368 -11.72 -26.11 -7.76
N GLY A 369 -11.46 -26.08 -9.07
CA GLY A 369 -12.23 -26.81 -10.07
C GLY A 369 -13.71 -26.40 -10.18
N ALA A 370 -14.08 -25.16 -9.85
CA ALA A 370 -15.49 -24.75 -10.01
C ALA A 370 -15.88 -24.75 -11.51
N ASP A 371 -17.18 -24.90 -11.73
CA ASP A 371 -17.75 -24.74 -13.06
C ASP A 371 -17.67 -23.23 -13.42
N VAL A 372 -17.25 -22.93 -14.66
CA VAL A 372 -17.00 -21.62 -15.14
C VAL A 372 -18.30 -20.79 -15.10
N GLN A 373 -19.41 -21.33 -15.63
CA GLN A 373 -20.70 -20.59 -15.78
C GLN A 373 -21.20 -20.26 -14.37
N THR A 374 -21.28 -21.26 -13.48
CA THR A 374 -21.75 -21.07 -12.08
C THR A 374 -20.91 -20.05 -11.35
N GLN A 375 -19.60 -20.10 -11.51
CA GLN A 375 -18.68 -19.20 -10.84
C GLN A 375 -18.84 -17.78 -11.41
N MET A 376 -18.99 -17.65 -12.72
CA MET A 376 -19.23 -16.32 -13.31
C MET A 376 -20.58 -15.75 -12.88
N ASP A 377 -21.62 -16.60 -12.72
CA ASP A 377 -22.89 -16.16 -12.12
C ASP A 377 -22.62 -15.56 -10.71
N THR A 378 -21.82 -16.21 -9.89
CA THR A 378 -21.55 -15.73 -8.54
C THR A 378 -20.77 -14.41 -8.61
N PHE A 379 -19.78 -14.33 -9.51
CA PHE A 379 -18.98 -13.13 -9.73
C PHE A 379 -19.87 -11.96 -10.19
N ASN A 380 -20.73 -12.19 -11.17
CA ASN A 380 -21.59 -11.14 -11.68
C ASN A 380 -22.48 -10.62 -10.54
N ASP A 381 -23.01 -11.54 -9.71
CA ASP A 381 -23.85 -11.15 -8.58
C ASP A 381 -23.05 -10.27 -7.56
N GLN A 382 -21.82 -10.65 -7.28
CA GLN A 382 -20.93 -9.85 -6.40
C GLN A 382 -20.66 -8.45 -7.00
N VAL A 383 -20.45 -8.31 -8.32
CA VAL A 383 -20.18 -7.00 -8.89
C VAL A 383 -21.44 -6.13 -8.77
N GLU A 384 -22.59 -6.70 -9.14
CA GLU A 384 -23.85 -6.01 -8.95
C GLU A 384 -23.95 -5.50 -7.50
N ALA A 385 -23.73 -6.38 -6.51
CA ALA A 385 -23.86 -5.98 -5.11
C ALA A 385 -22.83 -4.89 -4.77
N LEU A 386 -21.59 -5.07 -5.25
CA LEU A 386 -20.52 -4.13 -4.98
C LEU A 386 -20.94 -2.75 -5.52
N LEU A 387 -21.50 -2.70 -6.75
CA LEU A 387 -21.88 -1.42 -7.40
C LEU A 387 -23.03 -0.74 -6.64
N LYS A 388 -23.98 -1.51 -6.09
CA LYS A 388 -25.15 -0.93 -5.42
C LYS A 388 -24.73 -0.13 -4.19
N LYS A 389 -23.94 -0.72 -3.32
CA LYS A 389 -23.50 -0.01 -2.15
C LYS A 389 -22.04 0.40 -2.41
N LEU A 390 -21.84 1.68 -2.56
CA LEU A 390 -20.55 2.22 -2.87
C LEU A 390 -19.79 2.38 -1.55
N GLU A 391 -19.25 1.27 -1.08
CA GLU A 391 -18.56 1.21 0.24
C GLU A 391 -17.21 1.94 0.17
N HIS A 392 -16.66 2.00 -1.04
CA HIS A 392 -15.39 2.65 -1.24
C HIS A 392 -15.42 3.46 -2.56
N HIS A 393 -14.73 4.59 -2.47
CA HIS A 393 -14.17 5.33 -3.60
C HIS A 393 -15.19 6.15 -4.34
N HIS A 394 -16.44 6.21 -3.93
CA HIS A 394 -17.34 7.14 -4.58
C HIS A 394 -17.50 8.37 -3.70
N HIS A 395 -17.76 9.51 -4.40
CA HIS A 395 -17.86 10.89 -3.81
C HIS A 395 -19.00 11.67 -4.51
N VAL B 11 -6.02 -28.95 4.90
CA VAL B 11 -4.97 -27.95 5.23
C VAL B 11 -5.61 -26.69 5.84
N LEU B 12 -5.08 -26.26 6.98
CA LEU B 12 -5.49 -25.02 7.61
C LEU B 12 -4.79 -23.85 6.91
N ASN B 13 -5.59 -22.97 6.30
CA ASN B 13 -5.02 -21.80 5.60
C ASN B 13 -4.82 -20.65 6.61
N VAL B 14 -3.60 -20.11 6.65
CA VAL B 14 -3.22 -18.99 7.54
C VAL B 14 -2.68 -17.86 6.68
N TRP B 15 -3.35 -16.72 6.76
CA TRP B 15 -2.86 -15.51 6.14
C TRP B 15 -1.97 -14.75 7.12
N ALA B 16 -0.69 -14.60 6.76
CA ALA B 16 0.21 -13.67 7.48
C ALA B 16 0.42 -12.44 6.57
N MET B 17 0.75 -11.32 7.17
CA MET B 17 0.92 -10.10 6.40
C MET B 17 2.43 -9.78 6.30
N GLY B 18 2.79 -9.16 5.16
CA GLY B 18 4.19 -8.79 4.87
C GLY B 18 4.65 -9.21 3.49
N ASP B 19 5.94 -9.01 3.23
CA ASP B 19 6.61 -9.45 1.99
C ASP B 19 6.99 -10.93 2.10
N GLU B 20 7.34 -11.29 3.33
CA GLU B 20 7.79 -12.65 3.69
C GLU B 20 7.09 -13.01 5.02
N ALA B 21 6.85 -14.32 5.19
CA ALA B 21 6.37 -14.91 6.45
C ALA B 21 7.15 -16.21 6.72
N LYS B 22 8.47 -16.11 6.57
CA LYS B 22 9.37 -17.26 6.75
C LYS B 22 9.33 -17.80 8.18
N SER B 23 9.33 -16.95 9.21
CA SER B 23 9.39 -17.43 10.61
C SER B 23 8.04 -18.07 10.99
N LEU B 24 6.91 -17.59 10.46
CA LEU B 24 5.62 -18.17 10.84
C LEU B 24 5.50 -19.57 10.24
N LYS B 25 5.98 -19.74 8.99
CA LYS B 25 6.03 -21.07 8.33
C LYS B 25 6.80 -22.06 9.21
N GLU B 26 7.91 -21.61 9.79
CA GLU B 26 8.76 -22.43 10.66
C GLU B 26 7.95 -22.89 11.88
N LEU B 27 7.23 -21.98 12.55
CA LEU B 27 6.39 -22.37 13.73
C LEU B 27 5.18 -23.19 13.28
N ALA B 28 4.64 -22.89 12.12
CA ALA B 28 3.54 -23.70 11.55
C ALA B 28 4.00 -25.17 11.31
N GLN B 29 5.25 -25.34 10.86
CA GLN B 29 5.80 -26.68 10.57
C GLN B 29 6.01 -27.46 11.87
N LYS B 30 6.33 -26.76 12.95
CA LYS B 30 6.49 -27.41 14.24
C LYS B 30 5.13 -27.77 14.80
N PHE B 31 4.16 -26.86 14.65
CA PHE B 31 2.78 -27.14 15.08
C PHE B 31 2.24 -28.42 14.38
N THR B 32 2.55 -28.56 13.08
CA THR B 32 2.09 -29.67 12.24
C THR B 32 2.71 -30.99 12.72
N LYS B 33 4.01 -30.98 12.98
CA LYS B 33 4.71 -32.16 13.48
C LYS B 33 4.09 -32.62 14.81
N ASP B 34 3.64 -31.69 15.66
CA ASP B 34 3.09 -32.03 16.99
C ASP B 34 1.63 -32.50 16.90
N THR B 35 0.78 -31.85 16.09
CA THR B 35 -0.68 -32.04 16.16
C THR B 35 -1.22 -32.87 15.00
N GLY B 36 -0.45 -33.03 13.93
CA GLY B 36 -0.93 -33.71 12.74
C GLY B 36 -1.73 -32.78 11.85
N ILE B 37 -1.98 -31.58 12.32
CA ILE B 37 -2.81 -30.62 11.57
C ILE B 37 -1.90 -29.89 10.58
N GLU B 38 -2.19 -30.11 9.27
CA GLU B 38 -1.38 -29.51 8.22
C GLU B 38 -1.73 -28.02 8.16
N VAL B 39 -0.75 -27.15 7.92
CA VAL B 39 -0.97 -25.70 7.89
C VAL B 39 -0.26 -25.15 6.65
N LYS B 40 -0.97 -24.36 5.87
CA LYS B 40 -0.34 -23.62 4.79
C LYS B 40 -0.34 -22.13 5.12
N VAL B 41 0.83 -21.55 5.24
CA VAL B 41 0.96 -20.13 5.51
C VAL B 41 1.11 -19.39 4.15
N GLN B 42 0.11 -18.59 3.79
CA GLN B 42 0.19 -17.73 2.67
C GLN B 42 0.63 -16.32 3.13
N VAL B 43 1.41 -15.62 2.31
CA VAL B 43 1.88 -14.28 2.65
C VAL B 43 1.11 -13.26 1.81
N ILE B 44 0.35 -12.38 2.48
CA ILE B 44 -0.44 -11.34 1.83
C ILE B 44 0.34 -10.03 1.94
N PRO B 45 0.72 -9.45 0.78
CA PRO B 45 1.38 -8.17 0.88
C PRO B 45 0.45 -7.12 1.51
N TRP B 46 1.03 -6.16 2.23
CA TRP B 46 0.26 -5.19 3.01
C TRP B 46 -0.70 -4.38 2.14
N ALA B 47 -0.29 -4.01 0.92
CA ALA B 47 -1.11 -3.14 0.09
C ALA B 47 -2.29 -3.90 -0.49
N ASN B 48 -2.30 -5.23 -0.29
CA ASN B 48 -3.31 -6.09 -0.92
C ASN B 48 -4.21 -6.72 0.17
N ALA B 49 -3.81 -6.60 1.43
CA ALA B 49 -4.56 -7.23 2.57
C ALA B 49 -5.99 -6.70 2.67
N HIS B 50 -6.19 -5.39 2.59
CA HIS B 50 -7.53 -4.79 2.73
C HIS B 50 -8.50 -5.35 1.71
N ASP B 51 -8.17 -5.28 0.43
CA ASP B 51 -9.08 -5.78 -0.60
C ASP B 51 -9.08 -7.32 -0.61
N LYS B 52 -7.97 -7.95 -0.30
CA LYS B 52 -7.99 -9.38 -0.31
C LYS B 52 -9.01 -9.86 0.75
N LEU B 53 -9.00 -9.27 1.95
CA LEU B 53 -9.91 -9.71 3.00
C LEU B 53 -11.35 -9.39 2.62
N LEU B 54 -11.61 -8.21 2.04
CA LEU B 54 -12.96 -7.82 1.57
C LEU B 54 -13.43 -8.81 0.52
N THR B 55 -12.50 -9.20 -0.37
CA THR B 55 -12.82 -10.16 -1.45
C THR B 55 -13.29 -11.49 -0.82
N ALA B 56 -12.59 -11.87 0.24
CA ALA B 56 -12.90 -13.15 0.96
C ALA B 56 -14.28 -13.10 1.57
N VAL B 57 -14.58 -11.98 2.23
CA VAL B 57 -15.89 -11.69 2.82
C VAL B 57 -16.93 -11.73 1.72
N ALA B 58 -16.75 -10.90 0.69
CA ALA B 58 -17.74 -10.85 -0.39
C ALA B 58 -17.96 -12.24 -1.00
N SER B 59 -16.97 -13.13 -0.95
CA SER B 59 -17.10 -14.44 -1.66
C SER B 59 -17.33 -15.59 -0.66
N LYS B 60 -17.37 -15.26 0.64
CA LYS B 60 -17.56 -16.24 1.74
C LYS B 60 -16.60 -17.44 1.60
N SER B 61 -15.36 -17.15 1.20
CA SER B 61 -14.28 -18.11 0.92
C SER B 61 -12.98 -17.33 1.14
N GLY B 62 -12.18 -17.86 2.03
CA GLY B 62 -11.00 -17.15 2.49
C GLY B 62 -10.07 -18.06 3.27
N PRO B 63 -9.26 -17.48 4.12
CA PRO B 63 -8.38 -18.26 4.94
C PRO B 63 -9.17 -18.88 6.10
N ASP B 64 -8.48 -19.56 6.98
CA ASP B 64 -9.12 -19.99 8.22
C ASP B 64 -8.67 -19.10 9.36
N VAL B 65 -7.35 -18.88 9.45
CA VAL B 65 -6.78 -17.95 10.41
C VAL B 65 -6.16 -16.74 9.66
N VAL B 66 -6.41 -15.52 10.14
CA VAL B 66 -5.83 -14.31 9.54
C VAL B 66 -5.13 -13.46 10.62
N GLN B 67 -3.86 -13.17 10.40
CA GLN B 67 -3.18 -11.95 11.03
C GLN B 67 -3.99 -10.66 10.76
N MET B 68 -4.49 -10.01 11.81
CA MET B 68 -5.22 -8.74 11.71
C MET B 68 -4.45 -7.68 12.49
N GLY B 69 -4.03 -6.64 11.80
CA GLY B 69 -3.51 -5.41 12.48
C GLY B 69 -4.57 -4.88 13.45
N THR B 70 -4.19 -4.47 14.64
CA THR B 70 -5.19 -3.98 15.62
C THR B 70 -6.05 -2.84 15.05
N THR B 71 -5.48 -1.93 14.27
CA THR B 71 -6.25 -0.84 13.73
C THR B 71 -7.26 -1.36 12.70
N TRP B 72 -7.09 -2.55 12.11
CA TRP B 72 -7.99 -3.02 11.11
C TRP B 72 -9.17 -3.77 11.71
N MET B 73 -9.19 -4.02 13.00
CA MET B 73 -10.30 -4.84 13.64
C MET B 73 -11.66 -4.12 13.50
N PRO B 74 -11.76 -2.79 13.70
CA PRO B 74 -13.04 -2.20 13.65
C PRO B 74 -13.72 -2.39 12.28
N GLU B 75 -13.02 -2.14 11.19
CA GLU B 75 -13.64 -2.28 9.88
C GLU B 75 -14.05 -3.76 9.59
N PHE B 76 -13.15 -4.73 9.85
CA PHE B 76 -13.38 -6.04 9.49
C PHE B 76 -14.40 -6.71 10.43
N VAL B 77 -14.51 -6.32 11.68
CA VAL B 77 -15.60 -6.74 12.54
C VAL B 77 -16.92 -6.29 11.93
N GLU B 78 -17.01 -5.03 11.54
CA GLU B 78 -18.26 -4.48 10.92
C GLU B 78 -18.61 -5.19 9.62
N ALA B 79 -17.60 -5.57 8.85
CA ALA B 79 -17.80 -6.12 7.52
C ALA B 79 -18.24 -7.61 7.58
N GLY B 80 -18.16 -8.21 8.78
CA GLY B 80 -18.49 -9.59 8.94
C GLY B 80 -17.38 -10.52 8.47
N ALA B 81 -16.12 -10.09 8.59
CA ALA B 81 -14.98 -10.94 8.17
C ALA B 81 -14.59 -11.94 9.25
N LEU B 82 -14.86 -11.63 10.53
CA LEU B 82 -14.21 -12.33 11.66
C LEU B 82 -15.26 -13.09 12.52
N LEU B 83 -14.89 -14.27 13.00
CA LEU B 83 -15.84 -15.14 13.74
C LEU B 83 -15.85 -14.64 15.18
N ASP B 84 -17.06 -14.54 15.73
CA ASP B 84 -17.26 -14.37 17.17
C ASP B 84 -16.73 -15.64 17.87
N ILE B 85 -15.66 -15.47 18.67
CA ILE B 85 -15.06 -16.60 19.39
C ILE B 85 -15.13 -16.37 20.90
N THR B 86 -16.13 -15.64 21.35
CA THR B 86 -16.13 -15.23 22.79
C THR B 86 -16.12 -16.46 23.71
N LYS B 87 -17.06 -17.37 23.49
CA LYS B 87 -17.21 -18.51 24.41
C LYS B 87 -15.95 -19.40 24.31
N ASP B 88 -15.45 -19.60 23.07
CA ASP B 88 -14.28 -20.43 22.78
C ASP B 88 -13.01 -19.97 23.49
N VAL B 89 -12.77 -18.67 23.59
CA VAL B 89 -11.50 -18.23 24.13
C VAL B 89 -11.60 -18.22 25.67
N GLU B 90 -12.77 -17.89 26.23
CA GLU B 90 -13.03 -17.93 27.68
C GLU B 90 -12.68 -19.31 28.27
N LYS B 91 -12.98 -20.39 27.56
CA LYS B 91 -12.75 -21.78 28.09
C LYS B 91 -11.41 -22.35 27.60
N SER B 92 -10.56 -21.52 26.96
CA SER B 92 -9.31 -22.00 26.43
C SER B 92 -8.25 -22.00 27.54
N LYS B 93 -7.15 -22.66 27.28
CA LYS B 93 -5.98 -22.63 28.13
C LYS B 93 -5.20 -21.32 27.98
N ASN B 94 -4.93 -20.91 26.72
CA ASN B 94 -4.00 -19.86 26.47
C ASN B 94 -4.64 -18.62 25.84
N MET B 95 -5.95 -18.59 25.62
CA MET B 95 -6.53 -17.49 24.87
C MET B 95 -7.48 -16.62 25.73
N ASN B 96 -7.63 -16.93 27.03
CA ASN B 96 -8.51 -16.13 27.91
C ASN B 96 -8.04 -14.68 27.94
N SER B 97 -8.97 -13.73 27.99
CA SER B 97 -8.68 -12.29 27.90
C SER B 97 -7.76 -11.81 29.02
N ASP B 98 -7.90 -12.40 30.23
CA ASP B 98 -7.11 -11.97 31.40
C ASP B 98 -5.63 -12.30 31.16
N LEU B 99 -5.31 -13.20 30.26
CA LEU B 99 -3.93 -13.55 30.00
C LEU B 99 -3.23 -12.48 29.13
N PHE B 100 -3.93 -11.44 28.61
CA PHE B 100 -3.24 -10.46 27.73
C PHE B 100 -3.32 -9.03 28.28
N PHE B 101 -2.50 -8.15 27.67
CA PHE B 101 -2.54 -6.75 28.05
C PHE B 101 -3.97 -6.22 27.84
N PRO B 102 -4.55 -5.51 28.84
CA PRO B 102 -5.93 -5.10 28.72
C PRO B 102 -6.14 -4.21 27.47
N GLY B 103 -5.16 -3.36 27.13
CA GLY B 103 -5.24 -2.62 25.91
C GLY B 103 -5.30 -3.50 24.67
N SER B 104 -4.49 -4.55 24.63
CA SER B 104 -4.49 -5.50 23.52
C SER B 104 -5.87 -6.16 23.37
N VAL B 105 -6.46 -6.50 24.49
CA VAL B 105 -7.79 -7.10 24.58
C VAL B 105 -8.86 -6.14 24.02
N LYS B 106 -8.80 -4.83 24.36
CA LYS B 106 -9.75 -3.83 23.83
C LYS B 106 -9.76 -3.92 22.29
N THR B 107 -8.65 -4.24 21.65
CA THR B 107 -8.66 -4.30 20.19
C THR B 107 -9.45 -5.50 19.65
N THR B 108 -9.82 -6.44 20.54
CA THR B 108 -10.52 -7.69 20.08
C THR B 108 -12.03 -7.63 20.36
N GLN B 109 -12.49 -6.61 21.08
CA GLN B 109 -13.83 -6.62 21.65
C GLN B 109 -14.75 -5.57 21.03
N PHE B 110 -15.87 -6.04 20.47
CA PHE B 110 -16.80 -5.20 19.74
C PHE B 110 -18.23 -5.66 20.04
N ASP B 111 -19.11 -4.75 20.43
CA ASP B 111 -20.50 -5.09 20.79
C ASP B 111 -20.52 -6.31 21.72
N GLY B 112 -19.59 -6.34 22.68
CA GLY B 112 -19.66 -7.32 23.77
C GLY B 112 -19.02 -8.64 23.42
N LYS B 113 -18.54 -8.78 22.18
CA LYS B 113 -18.07 -10.08 21.68
C LYS B 113 -16.56 -10.00 21.41
N THR B 114 -15.86 -11.14 21.45
CA THR B 114 -14.45 -11.20 21.11
C THR B 114 -14.28 -11.77 19.68
N TYR B 115 -13.47 -11.09 18.87
CA TYR B 115 -13.30 -11.41 17.44
C TYR B 115 -11.86 -11.82 17.08
N GLY B 116 -11.04 -12.11 18.09
CA GLY B 116 -9.65 -12.46 17.86
C GLY B 116 -8.93 -12.66 19.17
N VAL B 117 -7.70 -13.13 19.06
CA VAL B 117 -6.81 -13.26 20.21
C VAL B 117 -5.58 -12.37 20.00
N PRO B 118 -5.20 -11.62 21.04
CA PRO B 118 -4.05 -10.75 20.79
C PRO B 118 -2.81 -11.63 20.55
N TRP B 119 -2.01 -11.28 19.56
CA TRP B 119 -0.88 -12.14 19.16
C TRP B 119 0.43 -11.47 19.61
N TYR B 120 0.82 -10.36 18.97
CA TYR B 120 1.97 -9.59 19.39
C TYR B 120 1.56 -8.11 19.53
N ALA B 121 2.22 -7.42 20.46
CA ALA B 121 1.87 -6.08 20.85
C ALA B 121 3.02 -5.10 20.54
N GLU B 122 2.69 -3.86 20.43
CA GLU B 122 3.68 -2.79 20.25
C GLU B 122 3.16 -1.56 21.01
N THR B 123 4.08 -0.83 21.62
CA THR B 123 3.77 0.43 22.27
C THR B 123 4.90 1.39 21.92
N ARG B 124 4.75 2.69 22.22
CA ARG B 124 5.77 3.64 21.92
C ARG B 124 6.38 4.11 23.25
N VAL B 125 7.73 4.16 23.31
CA VAL B 125 8.44 4.56 24.48
C VAL B 125 9.44 5.64 24.07
N LEU B 126 10.02 6.29 25.08
CA LEU B 126 11.08 7.29 24.84
C LEU B 126 12.42 6.58 24.61
N PHE B 127 13.13 6.94 23.55
CA PHE B 127 14.51 6.58 23.32
C PHE B 127 15.37 7.82 23.58
N TYR B 128 16.41 7.65 24.39
CA TYR B 128 17.25 8.81 24.79
C TYR B 128 18.71 8.40 24.93
N ARG B 129 19.58 9.35 24.58
CA ARG B 129 21.04 9.22 24.75
C ARG B 129 21.36 9.54 26.21
N THR B 130 21.84 8.54 26.94
CA THR B 130 22.00 8.63 28.42
C THR B 130 23.19 9.56 28.75
N ASP B 131 24.27 9.45 27.97
CA ASP B 131 25.45 10.33 28.06
C ASP B 131 25.06 11.79 27.75
N LEU B 132 24.26 12.03 26.67
CA LEU B 132 23.93 13.44 26.32
C LEU B 132 22.95 14.07 27.31
N LEU B 133 21.94 13.33 27.74
CA LEU B 133 21.02 13.82 28.80
C LEU B 133 21.80 14.15 30.09
N LYS B 134 22.75 13.30 30.45
CA LYS B 134 23.62 13.52 31.67
C LYS B 134 24.41 14.84 31.48
N LYS B 135 24.90 15.04 30.25
CA LYS B 135 25.70 16.20 29.91
C LYS B 135 24.93 17.52 30.21
N VAL B 136 23.65 17.62 29.89
CA VAL B 136 22.82 18.80 30.14
C VAL B 136 22.03 18.63 31.46
N GLY B 137 22.50 17.80 32.38
CA GLY B 137 21.98 17.84 33.78
C GLY B 137 20.89 16.81 34.07
N TYR B 138 20.62 15.87 33.17
CA TYR B 138 19.60 14.83 33.43
C TYR B 138 20.21 13.43 33.57
N ASN B 139 20.26 12.94 34.81
CA ASN B 139 20.85 11.61 35.08
C ASN B 139 19.84 10.51 34.81
N GLU B 140 18.58 10.89 34.75
CA GLU B 140 17.48 9.99 34.38
C GLU B 140 16.77 10.61 33.17
N ALA B 141 16.01 9.80 32.44
CA ALA B 141 15.17 10.34 31.33
C ALA B 141 14.25 11.44 31.85
N PRO B 142 13.88 12.40 31.00
CA PRO B 142 12.83 13.33 31.46
C PRO B 142 11.54 12.57 31.86
N LYS B 143 10.88 13.00 32.93
CA LYS B 143 9.77 12.24 33.52
C LYS B 143 8.44 12.94 33.34
N THR B 144 8.48 14.20 33.00
CA THR B 144 7.30 15.06 32.85
C THR B 144 7.43 15.81 31.52
N TRP B 145 6.35 16.38 31.03
CA TRP B 145 6.34 17.22 29.88
C TRP B 145 7.29 18.41 30.07
N ASP B 146 7.33 19.02 31.29
CA ASP B 146 8.21 20.21 31.50
C ASP B 146 9.65 19.78 31.35
N GLU B 147 10.00 18.59 31.92
CA GLU B 147 11.35 18.11 31.80
C GLU B 147 11.70 17.81 30.34
N LEU B 148 10.77 17.18 29.59
CA LEU B 148 11.11 16.81 28.26
C LEU B 148 11.43 18.11 27.49
N SER B 149 10.55 19.08 27.64
CA SER B 149 10.72 20.42 27.01
C SER B 149 12.07 21.04 27.39
N ASP B 150 12.38 21.06 28.70
CA ASP B 150 13.60 21.69 29.23
C ASP B 150 14.86 20.98 28.69
N ALA B 151 14.90 19.65 28.86
CA ALA B 151 16.03 18.79 28.38
C ALA B 151 16.23 18.96 26.88
N ALA B 152 15.15 19.05 26.15
CA ALA B 152 15.28 19.17 24.69
C ALA B 152 15.84 20.53 24.29
N LEU B 153 15.41 21.62 24.95
CA LEU B 153 15.89 22.94 24.55
C LEU B 153 17.39 23.03 24.83
N LYS B 154 17.81 22.53 25.99
CA LYS B 154 19.23 22.51 26.32
C LYS B 154 20.06 21.71 25.30
N LEU B 155 19.59 20.51 24.90
CA LEU B 155 20.34 19.70 23.96
C LEU B 155 20.45 20.41 22.63
N SER B 156 19.41 21.18 22.26
CA SER B 156 19.41 21.93 20.98
C SER B 156 20.45 23.07 20.94
N LYS B 157 20.97 23.50 22.09
CA LYS B 157 21.91 24.60 22.13
C LYS B 157 23.35 24.10 21.98
N ARG B 158 23.55 22.79 21.77
CA ARG B 158 24.89 22.21 21.64
C ARG B 158 25.61 22.79 20.43
N GLY B 159 24.90 23.12 19.36
CA GLY B 159 25.57 23.62 18.16
C GLY B 159 24.53 23.97 17.12
N LYS B 160 25.00 24.57 16.03
CA LYS B 160 24.15 25.05 14.93
C LYS B 160 22.95 24.11 14.61
N ASP B 161 23.19 22.91 14.06
CA ASP B 161 22.05 22.06 13.63
C ASP B 161 21.94 20.84 14.58
N MET B 162 21.93 21.13 15.88
CA MET B 162 21.69 20.15 16.95
C MET B 162 20.25 20.27 17.46
N TYR B 163 19.61 19.14 17.84
CA TYR B 163 18.25 19.16 18.30
C TYR B 163 18.16 18.53 19.70
N GLY B 164 16.95 18.45 20.23
CA GLY B 164 16.66 17.79 21.52
C GLY B 164 15.65 16.66 21.42
N PHE B 165 14.69 16.76 20.47
CA PHE B 165 13.58 15.78 20.46
C PHE B 165 12.92 15.75 19.08
N ALA B 166 12.59 14.60 18.57
CA ALA B 166 11.97 14.45 17.23
C ALA B 166 10.46 14.25 17.42
N ILE B 167 9.70 15.06 16.70
CA ILE B 167 8.28 14.78 16.55
C ILE B 167 8.14 14.35 15.08
N ASP B 168 7.77 13.11 14.87
CA ASP B 168 7.69 12.56 13.56
C ASP B 168 6.43 13.05 12.84
N PRO B 169 6.60 13.81 11.76
CA PRO B 169 5.44 14.42 11.16
C PRO B 169 4.55 13.40 10.48
N ASN B 170 5.03 12.16 10.26
CA ASN B 170 4.16 11.19 9.60
C ASN B 170 3.70 10.06 10.54
N GLU B 171 4.06 10.12 11.82
CA GLU B 171 3.67 9.16 12.81
C GLU B 171 2.23 9.48 13.20
N GLN B 172 1.33 8.53 12.97
CA GLN B 172 -0.09 8.72 13.25
C GLN B 172 -0.40 8.88 14.75
N THR B 173 0.42 8.32 15.63
CA THR B 173 0.06 8.14 17.04
C THR B 173 0.40 9.43 17.80
N THR B 174 1.29 10.28 17.31
CA THR B 174 2.03 11.19 18.19
C THR B 174 1.11 12.24 18.83
N GLY B 175 0.42 13.01 18.01
CA GLY B 175 -0.57 13.97 18.49
C GLY B 175 -1.55 13.37 19.50
N PHE B 176 -2.07 12.19 19.22
CA PHE B 176 -3.18 11.64 20.05
C PHE B 176 -2.64 11.09 21.38
N ILE B 177 -1.42 10.55 21.37
CA ILE B 177 -0.81 10.01 22.58
C ILE B 177 -0.63 11.22 23.55
N PHE B 178 -0.01 12.32 23.04
CA PHE B 178 0.19 13.49 23.80
C PHE B 178 -1.18 14.03 24.26
N GLY B 179 -2.13 14.12 23.33
CA GLY B 179 -3.49 14.58 23.66
C GLY B 179 -4.06 13.91 24.92
N ARG B 180 -4.02 12.59 24.98
CA ARG B 180 -4.66 11.83 26.06
C ARG B 180 -3.86 12.01 27.35
N GLN B 181 -2.55 12.19 27.24
CA GLN B 181 -1.72 12.46 28.39
C GLN B 181 -2.23 13.75 29.08
N ASN B 182 -2.68 14.76 28.29
CA ASN B 182 -3.13 16.04 28.86
C ASN B 182 -4.63 15.99 29.21
N GLY B 183 -5.22 14.80 29.25
CA GLY B 183 -6.66 14.67 29.59
C GLY B 183 -7.61 14.76 28.39
N SER B 184 -7.16 14.88 27.13
CA SER B 184 -8.16 14.82 26.02
C SER B 184 -8.72 13.38 25.83
N PRO B 185 -10.05 13.19 25.79
CA PRO B 185 -10.67 11.92 25.36
C PRO B 185 -10.68 11.82 23.82
N LEU B 186 -10.32 12.89 23.11
CA LEU B 186 -10.25 12.92 21.62
C LEU B 186 -11.65 12.95 21.03
N PHE B 187 -12.54 12.09 21.54
CA PHE B 187 -13.94 12.16 21.13
C PHE B 187 -14.74 12.18 22.45
N ASP B 188 -15.81 12.96 22.54
CA ASP B 188 -16.58 13.12 23.78
C ASP B 188 -17.50 11.90 23.92
N LYS B 189 -18.34 11.95 24.96
CA LYS B 189 -19.32 10.86 25.28
C LYS B 189 -20.19 10.55 24.06
N ASP B 190 -20.58 11.58 23.29
CA ASP B 190 -21.51 11.40 22.13
C ASP B 190 -20.73 11.02 20.85
N GLY B 191 -19.43 10.82 20.89
CA GLY B 191 -18.64 10.54 19.66
C GLY B 191 -18.22 11.82 18.94
N THR B 192 -18.51 13.00 19.50
CA THR B 192 -18.17 14.28 18.89
C THR B 192 -16.67 14.53 19.07
N PRO B 193 -15.93 14.89 17.99
CA PRO B 193 -14.53 15.13 18.15
C PRO B 193 -14.34 16.39 19.01
N VAL B 194 -13.27 16.40 19.81
CA VAL B 194 -12.94 17.53 20.70
C VAL B 194 -11.48 17.97 20.53
N PHE B 195 -10.99 17.86 19.30
CA PHE B 195 -9.61 18.31 18.98
C PHE B 195 -9.46 19.84 19.12
N ASN B 196 -10.57 20.60 19.10
CA ASN B 196 -10.54 22.03 19.21
C ASN B 196 -10.83 22.51 20.63
N LYS B 197 -10.86 21.60 21.60
CA LYS B 197 -11.03 21.96 23.00
C LYS B 197 -9.67 22.05 23.69
N LYS B 198 -9.64 22.74 24.84
CA LYS B 198 -8.41 23.18 25.46
C LYS B 198 -7.43 22.04 25.76
N PRO B 199 -7.87 20.90 26.34
CA PRO B 199 -6.87 19.81 26.57
C PRO B 199 -6.13 19.41 25.27
N PHE B 200 -6.78 19.39 24.15
CA PHE B 200 -6.06 18.93 22.90
C PHE B 200 -5.33 20.12 22.34
N VAL B 201 -5.96 21.29 22.38
CA VAL B 201 -5.31 22.53 21.81
C VAL B 201 -4.03 22.82 22.58
N ASP B 202 -4.05 22.62 23.93
CA ASP B 202 -2.84 22.95 24.68
C ASP B 202 -1.76 21.90 24.37
N THR B 203 -2.20 20.67 24.06
CA THR B 203 -1.27 19.65 23.62
C THR B 203 -0.53 20.05 22.37
N VAL B 204 -1.28 20.49 21.34
CA VAL B 204 -0.66 20.86 20.06
C VAL B 204 0.22 22.11 20.22
N THR B 205 -0.21 23.09 21.00
CA THR B 205 0.65 24.21 21.35
C THR B 205 1.97 23.70 21.95
N TYR B 206 1.92 22.73 22.86
CA TYR B 206 3.15 22.22 23.53
C TYR B 206 4.03 21.47 22.51
N LEU B 207 3.46 20.65 21.68
CA LEU B 207 4.30 20.00 20.60
C LEU B 207 4.89 21.08 19.69
N ASP B 208 4.11 22.10 19.36
CA ASP B 208 4.58 23.19 18.50
C ASP B 208 5.73 23.96 19.18
N SER B 209 5.88 23.99 20.52
CA SER B 209 6.95 24.80 21.18
C SER B 209 8.35 24.25 20.84
N PHE B 210 8.49 22.91 20.69
CA PHE B 210 9.73 22.29 20.30
C PHE B 210 10.11 22.75 18.87
N ILE B 211 9.14 22.92 18.01
CA ILE B 211 9.40 23.41 16.69
C ILE B 211 9.81 24.90 16.73
N LYS B 212 9.03 25.73 17.39
CA LYS B 212 9.28 27.21 17.40
C LYS B 212 10.60 27.54 18.10
N ASN B 213 11.01 26.74 19.08
CA ASN B 213 12.24 26.99 19.85
C ASN B 213 13.45 26.27 19.25
N GLY B 214 13.31 25.56 18.17
CA GLY B 214 14.43 24.98 17.44
C GLY B 214 14.90 23.64 18.00
N SER B 215 14.13 22.98 18.89
CA SER B 215 14.61 21.79 19.57
C SER B 215 14.10 20.49 18.94
N ALA B 216 13.11 20.58 18.09
CA ALA B 216 12.69 19.49 17.20
C ALA B 216 12.90 19.97 15.79
N PRO B 217 13.38 19.07 14.89
CA PRO B 217 13.61 19.55 13.52
C PRO B 217 12.27 19.85 12.83
N ASP B 218 12.28 20.84 11.92
CA ASP B 218 11.08 21.23 11.23
C ASP B 218 11.16 20.92 9.72
N THR B 219 12.16 20.15 9.35
CA THR B 219 12.36 19.59 8.00
C THR B 219 12.81 18.14 8.20
N ASP B 220 12.67 17.38 7.14
CA ASP B 220 13.18 16.01 7.03
C ASP B 220 14.70 16.11 6.94
N LEU B 221 15.41 15.56 7.92
CA LEU B 221 16.88 15.68 7.89
C LEU B 221 17.52 14.64 6.90
N GLY B 222 16.76 13.70 6.38
CA GLY B 222 17.30 12.59 5.55
C GLY B 222 18.33 11.73 6.29
N LEU B 223 18.18 11.57 7.61
CA LEU B 223 19.09 10.73 8.36
C LEU B 223 18.36 9.44 8.78
N ASP B 224 19.03 8.29 8.72
CA ASP B 224 18.51 7.07 9.34
C ASP B 224 18.81 7.17 10.84
N ALA B 225 18.34 6.19 11.59
CA ALA B 225 18.41 6.17 13.01
C ALA B 225 19.87 6.24 13.44
N SER B 226 20.77 5.48 12.81
CA SER B 226 22.20 5.57 13.28
C SER B 226 22.74 6.99 13.10
N GLN B 227 22.38 7.62 11.99
CA GLN B 227 22.96 8.91 11.59
C GLN B 227 22.42 10.03 12.52
N SER B 228 21.15 9.91 12.93
CA SER B 228 20.46 10.94 13.68
C SER B 228 20.63 10.70 15.18
N PHE B 229 20.63 9.46 15.63
CA PHE B 229 20.67 9.19 17.07
C PHE B 229 22.08 8.78 17.53
N GLY B 230 22.86 8.22 16.61
CA GLY B 230 24.20 7.71 16.90
C GLY B 230 25.17 8.82 16.72
N GLY B 231 26.44 8.48 16.77
CA GLY B 231 27.47 9.56 16.65
C GLY B 231 27.32 10.64 17.71
N ASP B 232 27.22 11.90 17.25
CA ASP B 232 27.08 13.05 18.09
C ASP B 232 25.62 13.22 18.57
N GLY B 233 24.66 12.49 18.05
CA GLY B 233 23.26 12.53 18.59
C GLY B 233 22.55 13.83 18.27
N ILE B 234 22.54 14.14 16.96
CA ILE B 234 21.83 15.25 16.36
C ILE B 234 20.38 15.30 16.87
N VAL B 235 19.74 14.14 16.90
CA VAL B 235 18.38 14.03 17.44
C VAL B 235 18.46 13.05 18.61
N PRO B 236 18.75 13.56 19.86
CA PRO B 236 19.19 12.73 20.95
C PRO B 236 18.05 12.04 21.72
N MET B 237 16.79 12.43 21.44
CA MET B 237 15.60 11.85 22.09
C MET B 237 14.52 11.70 21.01
N PHE B 238 13.81 10.57 21.07
CA PHE B 238 12.72 10.37 20.13
C PHE B 238 11.79 9.26 20.65
N MET B 239 10.67 9.07 19.93
CA MET B 239 9.72 8.05 20.29
C MET B 239 9.73 7.01 19.17
N SER B 240 9.67 5.75 19.56
CA SER B 240 9.50 4.70 18.55
C SER B 240 8.97 3.44 19.24
N GLY B 241 8.75 2.39 18.41
CA GLY B 241 8.31 1.12 18.86
C GLY B 241 9.46 0.13 19.07
N PRO B 242 9.10 -1.11 19.42
CA PRO B 242 10.08 -2.14 19.84
C PRO B 242 11.11 -2.46 18.74
N TRP B 243 10.74 -2.29 17.48
CA TRP B 243 11.61 -2.56 16.29
C TRP B 243 12.85 -1.68 16.34
N MET B 244 12.74 -0.47 16.93
CA MET B 244 13.91 0.41 16.96
C MET B 244 15.03 -0.17 17.82
N VAL B 245 14.70 -1.09 18.73
CA VAL B 245 15.79 -1.69 19.61
C VAL B 245 16.79 -2.45 18.72
N ASN B 246 16.27 -3.45 18.05
CA ASN B 246 16.99 -4.15 16.97
C ASN B 246 17.71 -3.20 15.95
N THR B 247 17.02 -2.22 15.37
CA THR B 247 17.72 -1.30 14.41
C THR B 247 18.94 -0.61 15.07
N LEU B 248 18.80 -0.19 16.32
CA LEU B 248 19.90 0.50 16.95
C LEU B 248 21.07 -0.45 17.24
N LYS B 249 20.76 -1.61 17.80
CA LYS B 249 21.77 -2.64 18.11
C LYS B 249 22.54 -3.03 16.85
N ASP B 250 21.81 -3.21 15.75
CA ASP B 250 22.39 -3.67 14.51
C ASP B 250 23.12 -2.52 13.79
N THR B 251 22.58 -1.28 13.77
CA THR B 251 23.16 -0.29 12.81
C THR B 251 23.97 0.79 13.53
N ALA B 252 23.95 0.84 14.85
CA ALA B 252 24.62 1.93 15.58
C ALA B 252 25.43 1.35 16.75
N PRO B 253 26.41 0.49 16.43
CA PRO B 253 27.29 -0.08 17.45
C PRO B 253 28.05 0.98 18.27
N ASP B 254 28.36 2.11 17.67
CA ASP B 254 29.09 3.19 18.38
C ASP B 254 28.35 3.64 19.64
N ILE B 255 27.02 3.53 19.74
CA ILE B 255 26.34 4.02 20.96
C ILE B 255 25.96 2.89 21.91
N ASP B 256 26.61 1.76 21.83
CA ASP B 256 26.38 0.71 22.86
C ASP B 256 26.74 1.25 24.25
N GLY B 257 25.85 1.09 25.20
CA GLY B 257 26.02 1.58 26.53
C GLY B 257 25.68 3.06 26.65
N LYS B 258 25.33 3.72 25.54
CA LYS B 258 25.11 5.16 25.59
C LYS B 258 23.64 5.48 25.34
N TRP B 259 22.74 4.48 25.36
CA TRP B 259 21.34 4.83 25.11
C TRP B 259 20.40 3.93 25.95
N ALA B 260 19.17 4.35 26.10
CA ALA B 260 18.22 3.59 26.85
C ALA B 260 16.81 3.95 26.38
N THR B 261 15.89 3.09 26.76
CA THR B 261 14.52 3.37 26.59
C THR B 261 13.98 3.81 27.95
N ALA B 262 12.93 4.61 27.98
CA ALA B 262 12.24 4.95 29.19
C ALA B 262 10.75 5.04 28.92
N VAL B 263 9.95 4.93 29.96
CA VAL B 263 8.51 5.17 29.86
C VAL B 263 8.30 6.65 29.46
N LEU B 264 7.24 6.93 28.71
CA LEU B 264 6.97 8.33 28.28
C LEU B 264 6.93 9.29 29.47
N PRO B 265 7.36 10.54 29.23
CA PRO B 265 7.07 11.57 30.19
C PRO B 265 5.58 11.76 30.48
N LYS B 266 5.29 12.11 31.76
CA LYS B 266 3.95 12.31 32.29
C LYS B 266 3.52 13.80 32.24
N LYS B 267 2.23 13.97 31.97
CA LYS B 267 1.45 15.18 32.14
C LYS B 267 0.37 14.88 33.19
N GLU B 268 -0.90 14.65 32.77
CA GLU B 268 -1.87 14.07 33.72
C GLU B 268 -1.61 12.57 33.83
N ASN B 269 -1.27 11.94 32.72
CA ASN B 269 -0.81 10.55 32.76
C ASN B 269 0.37 10.43 31.81
N ASN B 270 1.01 9.28 31.78
CA ASN B 270 2.07 9.01 30.80
C ASN B 270 1.74 7.82 29.87
N GLU B 271 0.48 7.59 29.57
CA GLU B 271 0.07 6.41 28.85
C GLU B 271 0.44 6.55 27.36
N SER B 272 0.76 5.43 26.71
CA SER B 272 1.20 5.41 25.30
C SER B 272 0.13 4.76 24.43
N SER B 273 0.42 4.65 23.11
CA SER B 273 -0.49 3.97 22.20
C SER B 273 -0.26 2.45 22.27
N LEU B 274 -1.16 1.71 21.72
CA LEU B 274 -0.96 0.25 21.73
C LEU B 274 -1.43 -0.23 20.36
N GLY B 275 -0.62 -1.07 19.76
CA GLY B 275 -1.00 -1.68 18.53
C GLY B 275 -0.32 -3.02 18.35
N GLY B 276 -0.12 -3.43 17.09
CA GLY B 276 0.46 -4.70 16.66
C GLY B 276 -0.58 -5.57 15.94
N ALA B 277 -0.65 -6.89 16.19
CA ALA B 277 -1.52 -7.78 15.47
C ALA B 277 -2.23 -8.77 16.41
N ASN B 278 -3.32 -9.32 15.90
CA ASN B 278 -4.18 -10.31 16.51
C ASN B 278 -4.32 -11.46 15.51
N LEU B 279 -4.75 -12.63 16.00
CA LEU B 279 -5.13 -13.73 15.15
C LEU B 279 -6.65 -13.86 15.32
N SER B 280 -7.32 -14.01 14.19
CA SER B 280 -8.76 -14.12 14.16
C SER B 280 -9.12 -15.29 13.25
N ILE B 281 -10.34 -15.83 13.41
CA ILE B 281 -10.82 -16.86 12.51
C ILE B 281 -11.70 -16.20 11.44
N PHE B 282 -11.52 -16.53 10.19
CA PHE B 282 -12.43 -16.02 9.18
C PHE B 282 -13.84 -16.59 9.48
N LYS B 283 -14.84 -15.72 9.35
CA LYS B 283 -16.22 -15.99 9.71
C LYS B 283 -16.76 -17.28 9.03
N TYR B 284 -16.40 -17.55 7.77
CA TYR B 284 -16.94 -18.66 7.07
C TYR B 284 -15.96 -19.84 7.09
N SER B 285 -14.94 -19.82 7.93
CA SER B 285 -14.03 -20.94 7.95
C SER B 285 -14.81 -22.22 8.24
N ASN B 286 -14.38 -23.35 7.63
CA ASN B 286 -14.96 -24.63 7.91
C ASN B 286 -14.06 -25.42 8.87
N LYS B 287 -13.05 -24.78 9.48
CA LYS B 287 -12.05 -25.46 10.28
C LYS B 287 -11.89 -24.77 11.64
N LYS B 288 -12.99 -24.37 12.26
CA LYS B 288 -12.92 -23.63 13.48
C LYS B 288 -12.04 -24.36 14.50
N ASP B 289 -12.25 -25.66 14.66
CA ASP B 289 -11.59 -26.43 15.72
C ASP B 289 -10.06 -26.33 15.58
N ASP B 290 -9.60 -26.60 14.36
CA ASP B 290 -8.17 -26.62 14.07
C ASP B 290 -7.62 -25.18 14.14
N ALA B 291 -8.40 -24.18 13.73
CA ALA B 291 -8.02 -22.76 13.81
C ALA B 291 -7.75 -22.35 15.27
N LEU B 292 -8.71 -22.62 16.18
CA LEU B 292 -8.57 -22.39 17.59
C LEU B 292 -7.31 -23.10 18.09
N LYS B 293 -7.03 -24.31 17.62
CA LYS B 293 -5.84 -25.02 18.14
C LYS B 293 -4.56 -24.32 17.65
N PHE B 294 -4.50 -23.91 16.41
CA PHE B 294 -3.36 -23.19 15.94
C PHE B 294 -3.20 -21.87 16.75
N MET B 295 -4.30 -21.19 17.04
CA MET B 295 -4.24 -19.91 17.75
C MET B 295 -3.85 -20.13 19.22
N ASP B 296 -4.27 -21.25 19.81
CA ASP B 296 -3.90 -21.52 21.24
C ASP B 296 -2.40 -21.86 21.32
N TYR B 297 -1.89 -22.61 20.35
CA TYR B 297 -0.45 -22.80 20.25
C TYR B 297 0.32 -21.44 20.16
N MET B 298 -0.13 -20.52 19.29
CA MET B 298 0.58 -19.23 19.11
C MET B 298 0.43 -18.37 20.38
N SER B 299 -0.56 -18.66 21.24
CA SER B 299 -0.77 -17.89 22.47
C SER B 299 0.00 -18.49 23.67
N GLN B 300 0.67 -19.64 23.48
CA GLN B 300 1.48 -20.22 24.53
C GLN B 300 2.68 -19.31 24.76
N PRO B 301 3.11 -19.15 26.02
CA PRO B 301 4.23 -18.30 26.37
C PRO B 301 5.52 -18.60 25.59
N ASP B 302 5.92 -19.87 25.52
CA ASP B 302 7.19 -20.29 24.89
C ASP B 302 7.14 -20.04 23.36
N VAL B 303 5.97 -20.17 22.74
CA VAL B 303 5.84 -19.84 21.34
C VAL B 303 5.94 -18.31 21.14
N GLN B 304 5.34 -17.55 22.04
CA GLN B 304 5.43 -16.08 21.93
C GLN B 304 6.91 -15.67 22.05
N LEU B 305 7.68 -16.36 22.94
CA LEU B 305 9.13 -16.08 23.09
C LEU B 305 9.91 -16.51 21.85
N SER B 306 9.58 -17.66 21.30
CA SER B 306 10.19 -18.07 20.05
C SER B 306 9.87 -17.06 18.93
N TRP B 307 8.63 -16.62 18.83
CA TRP B 307 8.25 -15.57 17.85
C TRP B 307 9.10 -14.31 18.04
N LEU B 308 9.28 -13.93 19.31
CA LEU B 308 10.10 -12.75 19.70
C LEU B 308 11.53 -12.90 19.18
N LYS B 309 12.09 -14.12 19.35
CA LYS B 309 13.48 -14.38 18.97
C LYS B 309 13.68 -14.25 17.46
N ASP B 310 12.70 -14.72 16.71
CA ASP B 310 12.79 -14.74 15.26
C ASP B 310 12.43 -13.40 14.66
N THR B 311 11.64 -12.54 15.32
CA THR B 311 11.05 -11.38 14.58
C THR B 311 11.10 -10.06 15.38
N ASN B 312 11.53 -10.12 16.64
CA ASN B 312 11.64 -8.89 17.47
C ASN B 312 10.24 -8.33 17.80
N SER B 313 9.16 -9.12 17.59
CA SER B 313 7.80 -8.76 17.94
C SER B 313 7.56 -9.10 19.41
N MET B 314 7.04 -8.17 20.17
CA MET B 314 6.87 -8.36 21.60
C MET B 314 5.65 -9.23 21.88
N PRO B 315 5.70 -10.02 22.94
CA PRO B 315 4.52 -10.83 23.29
C PRO B 315 3.31 -10.02 23.77
N ALA B 316 2.13 -10.36 23.30
CA ALA B 316 0.90 -9.85 23.93
C ALA B 316 0.52 -10.68 25.18
N ARG B 317 0.94 -11.91 25.22
CA ARG B 317 0.72 -12.82 26.36
C ARG B 317 1.60 -12.40 27.56
N MET B 318 0.95 -11.98 28.61
CA MET B 318 1.69 -11.27 29.75
C MET B 318 2.66 -12.22 30.47
N ASP B 319 2.30 -13.49 30.57
CA ASP B 319 3.15 -14.47 31.21
C ASP B 319 4.52 -14.58 30.49
N ALA B 320 4.59 -14.33 29.21
CA ALA B 320 5.89 -14.47 28.47
C ALA B 320 6.89 -13.45 29.02
N TRP B 321 6.38 -12.37 29.59
CA TRP B 321 7.21 -11.29 30.04
C TRP B 321 7.99 -11.64 31.32
N GLU B 322 7.57 -12.69 32.02
CA GLU B 322 8.28 -13.26 33.18
C GLU B 322 9.55 -14.01 32.77
N ASP B 323 9.74 -14.29 31.49
CA ASP B 323 10.99 -14.88 31.06
C ASP B 323 12.12 -13.84 31.14
N ASP B 324 13.33 -14.33 31.41
CA ASP B 324 14.51 -13.53 31.64
C ASP B 324 14.90 -12.74 30.37
N MET B 325 14.60 -13.25 29.18
CA MET B 325 15.04 -12.56 27.95
C MET B 325 14.24 -11.27 27.76
N LEU B 326 13.13 -11.09 28.51
CA LEU B 326 12.41 -9.79 28.51
C LEU B 326 12.50 -9.08 29.86
N LYS B 327 12.21 -9.81 30.94
CA LYS B 327 12.20 -9.32 32.34
C LYS B 327 13.48 -8.55 32.64
N ASN B 328 14.62 -9.08 32.20
CA ASN B 328 15.93 -8.57 32.61
C ASN B 328 16.66 -7.90 31.45
N ASP B 329 15.98 -7.69 30.32
CA ASP B 329 16.54 -6.89 29.26
C ASP B 329 16.31 -5.40 29.51
N PRO B 330 17.37 -4.59 29.52
CA PRO B 330 17.15 -3.22 29.92
C PRO B 330 16.25 -2.43 28.94
N TYR B 331 16.22 -2.82 27.66
CA TYR B 331 15.48 -2.05 26.65
C TYR B 331 14.02 -2.50 26.63
N TYR B 332 13.81 -3.82 26.59
CA TYR B 332 12.47 -4.38 26.40
C TYR B 332 11.63 -4.28 27.65
N LYS B 333 12.21 -4.36 28.84
CA LYS B 333 11.38 -4.36 30.06
C LYS B 333 10.58 -3.05 30.09
N VAL B 334 11.13 -1.95 29.51
CA VAL B 334 10.42 -0.71 29.52
C VAL B 334 9.18 -0.80 28.61
N PHE B 335 9.26 -1.52 27.49
CA PHE B 335 8.07 -1.71 26.65
C PHE B 335 7.05 -2.51 27.43
N GLY B 336 7.53 -3.49 28.20
CA GLY B 336 6.64 -4.31 29.09
C GLY B 336 5.86 -3.46 30.05
N GLU B 337 6.54 -2.51 30.65
CA GLU B 337 5.93 -1.59 31.64
C GLU B 337 4.89 -0.70 30.94
N GLN B 338 5.30 -0.10 29.84
CA GLN B 338 4.41 0.85 29.08
C GLN B 338 3.16 0.12 28.59
N MET B 339 3.33 -1.12 28.26
CA MET B 339 2.22 -1.93 27.77
C MET B 339 1.05 -2.04 28.75
N LYS B 340 1.36 -2.09 30.02
CA LYS B 340 0.36 -2.34 31.06
C LYS B 340 -0.71 -1.25 31.06
N THR B 341 -0.42 0.02 30.73
CA THR B 341 -1.45 1.03 30.74
C THR B 341 -1.67 1.58 29.30
N ALA B 342 -1.09 0.99 28.28
CA ALA B 342 -1.16 1.65 26.95
C ALA B 342 -2.57 1.50 26.41
N GLU B 343 -2.99 2.48 25.63
CA GLU B 343 -4.36 2.50 25.09
C GLU B 343 -4.31 2.49 23.57
N PRO B 344 -5.02 1.57 22.95
CA PRO B 344 -5.15 1.63 21.52
C PRO B 344 -5.81 2.95 21.07
N MET B 345 -5.37 3.41 19.91
CA MET B 345 -5.97 4.52 19.17
C MET B 345 -7.45 4.21 18.99
N PRO B 346 -8.27 5.26 18.85
CA PRO B 346 -9.68 5.05 18.76
C PRO B 346 -10.03 3.99 17.70
N LEU B 347 -10.78 3.02 18.13
CA LEU B 347 -11.01 1.82 17.33
C LEU B 347 -12.20 2.07 16.43
N ILE B 348 -11.97 2.87 15.37
CA ILE B 348 -13.02 3.18 14.44
C ILE B 348 -12.45 3.04 13.05
N PRO B 349 -13.33 2.78 12.08
CA PRO B 349 -12.77 2.36 10.82
C PRO B 349 -12.04 3.44 10.06
N GLN B 350 -12.36 4.69 10.28
CA GLN B 350 -11.63 5.74 9.53
C GLN B 350 -10.59 6.47 10.40
N PHE B 351 -9.99 5.81 11.38
CA PHE B 351 -9.07 6.55 12.23
C PHE B 351 -7.81 6.94 11.44
N GLU B 352 -7.32 6.09 10.56
CA GLU B 352 -6.16 6.36 9.72
C GLU B 352 -6.33 7.67 8.91
N GLU B 353 -7.53 7.88 8.37
CA GLU B 353 -7.88 9.11 7.71
C GLU B 353 -7.88 10.31 8.68
N ILE B 354 -8.42 10.12 9.88
CA ILE B 354 -8.41 11.16 10.90
C ILE B 354 -6.95 11.50 11.27
N ALA B 355 -6.09 10.51 11.39
CA ALA B 355 -4.68 10.72 11.75
C ALA B 355 -4.01 11.51 10.62
N GLN B 356 -4.43 11.21 9.41
CA GLN B 356 -3.89 11.90 8.20
C GLN B 356 -4.32 13.36 8.17
N LEU B 357 -5.59 13.67 8.42
CA LEU B 357 -6.04 15.02 8.56
C LEU B 357 -5.25 15.71 9.66
N TYR B 358 -5.01 15.01 10.76
CA TYR B 358 -4.19 15.60 11.84
C TYR B 358 -2.78 15.94 11.30
N GLY B 359 -2.17 15.00 10.57
CA GLY B 359 -0.88 15.24 9.94
C GLY B 359 -0.87 16.56 9.14
N LYS B 360 -1.92 16.84 8.35
CA LYS B 360 -2.00 18.00 7.53
C LYS B 360 -2.12 19.28 8.37
N SER B 361 -2.97 19.20 9.37
CA SER B 361 -3.14 20.34 10.35
C SER B 361 -1.81 20.64 11.05
N TRP B 362 -1.11 19.60 11.48
CA TRP B 362 0.15 19.74 12.18
C TRP B 362 1.16 20.43 11.25
N GLU B 363 1.18 20.02 10.01
CA GLU B 363 2.07 20.68 9.04
C GLU B 363 1.76 22.17 8.86
N GLN B 364 0.50 22.53 8.79
CA GLN B 364 0.08 23.93 8.65
C GLN B 364 0.58 24.75 9.82
N ILE B 365 0.61 24.15 11.00
CA ILE B 365 1.15 24.73 12.22
C ILE B 365 2.67 24.73 12.15
N TYR B 366 3.33 23.59 12.11
CA TYR B 366 4.81 23.56 12.37
C TYR B 366 5.54 24.22 11.18
N ARG B 367 4.99 24.12 9.97
CA ARG B 367 5.69 24.59 8.77
C ARG B 367 5.11 25.92 8.30
N GLY B 368 3.79 26.10 8.32
CA GLY B 368 3.14 27.34 7.83
C GLY B 368 2.93 28.39 8.91
N GLY B 369 3.24 28.08 10.15
CA GLY B 369 2.96 28.94 11.33
C GLY B 369 1.50 29.31 11.52
N ALA B 370 0.55 28.45 11.15
CA ALA B 370 -0.87 28.74 11.48
C ALA B 370 -1.07 28.73 13.01
N ASP B 371 -2.13 29.42 13.38
CA ASP B 371 -2.58 29.54 14.72
C ASP B 371 -3.13 28.16 15.15
N VAL B 372 -2.76 27.69 16.33
CA VAL B 372 -3.09 26.38 16.87
C VAL B 372 -4.61 26.24 17.05
N GLN B 373 -5.28 27.19 17.71
CA GLN B 373 -6.75 27.14 17.92
C GLN B 373 -7.49 27.17 16.57
N THR B 374 -7.15 28.10 15.64
CA THR B 374 -7.81 28.26 14.32
C THR B 374 -7.67 26.96 13.52
N GLN B 375 -6.49 26.33 13.55
CA GLN B 375 -6.19 25.15 12.82
C GLN B 375 -6.90 23.96 13.48
N MET B 376 -6.97 23.92 14.79
CA MET B 376 -7.69 22.81 15.42
C MET B 376 -9.21 22.95 15.22
N ASP B 377 -9.75 24.16 15.12
CA ASP B 377 -11.13 24.38 14.69
C ASP B 377 -11.33 23.77 13.28
N THR B 378 -10.41 24.01 12.38
CA THR B 378 -10.53 23.55 11.00
C THR B 378 -10.45 22.02 11.01
N PHE B 379 -9.50 21.47 11.75
CA PHE B 379 -9.34 20.04 11.93
C PHE B 379 -10.61 19.40 12.52
N ASN B 380 -11.16 20.00 13.54
CA ASN B 380 -12.37 19.43 14.21
C ASN B 380 -13.54 19.38 13.21
N ASP B 381 -13.65 20.40 12.37
CA ASP B 381 -14.67 20.46 11.30
C ASP B 381 -14.44 19.40 10.22
N GLN B 382 -13.20 19.16 9.84
CA GLN B 382 -12.93 18.15 8.87
C GLN B 382 -13.28 16.76 9.42
N VAL B 383 -13.02 16.50 10.69
CA VAL B 383 -13.34 15.21 11.31
C VAL B 383 -14.86 15.01 11.36
N GLU B 384 -15.55 16.03 11.84
CA GLU B 384 -17.01 15.99 11.78
C GLU B 384 -17.49 15.66 10.38
N ALA B 385 -17.03 16.39 9.33
CA ALA B 385 -17.50 16.06 7.95
C ALA B 385 -17.14 14.61 7.54
N LEU B 386 -15.92 14.19 7.83
CA LEU B 386 -15.46 12.88 7.48
C LEU B 386 -16.31 11.81 8.18
N LEU B 387 -16.69 12.02 9.43
CA LEU B 387 -17.51 11.02 10.19
C LEU B 387 -18.95 10.99 9.64
N LYS B 388 -19.48 12.10 9.15
CA LYS B 388 -20.87 12.13 8.63
C LYS B 388 -20.99 11.23 7.40
N LYS B 389 -20.09 11.37 6.47
CA LYS B 389 -20.16 10.62 5.25
C LYS B 389 -19.10 9.52 5.33
N LEU B 390 -19.60 8.33 5.52
CA LEU B 390 -18.79 7.17 5.67
C LEU B 390 -18.34 6.77 4.26
N GLU B 391 -17.41 7.56 3.73
CA GLU B 391 -16.95 7.39 2.33
C GLU B 391 -16.10 6.11 2.22
N HIS B 392 -15.43 5.74 3.33
CA HIS B 392 -14.59 4.58 3.35
C HIS B 392 -14.78 3.77 4.65
N HIS B 393 -14.55 2.48 4.47
CA HIS B 393 -14.22 1.51 5.50
C HIS B 393 -15.41 1.14 6.39
N HIS B 394 -16.60 1.62 6.05
CA HIS B 394 -17.79 1.32 6.78
C HIS B 394 -18.61 0.29 6.02
N HIS B 395 -19.45 -0.43 6.77
CA HIS B 395 -20.24 -1.59 6.29
C HIS B 395 -21.48 -1.78 7.19
ZN ZN C . -10.96 6.01 -2.22
ZN ZN D . 18.10 12.39 -16.92
ZN ZN E . -10.00 0.10 -2.40
ZN ZN F . -15.38 12.40 -0.56
ZN ZN G . 18.70 -1.21 -17.16
ZN ZN H . -6.64 -17.27 -2.55
ZN ZN I . 7.05 8.36 -38.99
ZN ZN J . -19.36 -11.71 -30.41
ZN ZN K . 14.05 7.07 -10.77
ZN ZN L . -20.73 -26.23 -17.08
ZN ZN M . -1.15 -28.75 -10.48
ZN ZN N . -19.37 -4.44 3.03
ZN ZN O . -10.88 -0.12 -30.29
ZN ZN P . -19.73 7.68 -8.13
C1 PEG Q . -21.60 1.08 -13.88
O1 PEG Q . -22.10 2.42 -13.75
C2 PEG Q . -20.29 0.96 -14.61
O2 PEG Q . -20.46 0.62 -16.00
C3 PEG Q . -19.73 1.44 -16.97
C4 PEG Q . -20.34 1.36 -18.36
O4 PEG Q . -21.42 2.29 -18.63
ZN ZN R . -12.01 -0.42 3.83
ZN ZN S . -8.36 4.57 3.92
ZN ZN T . 2.44 17.89 3.17
ZN ZN U . 14.00 25.47 10.08
ZN ZN V . 10.55 -12.96 8.74
ZN ZN W . 26.36 -4.00 19.57
ZN ZN X . -4.26 31.41 18.88
ZN ZN Y . -5.68 3.96 31.69
ZN ZN Z . 18.56 -7.77 13.71
ZN ZN AA . -19.68 1.98 10.69
C1 PEG BA . 15.70 16.70 38.26
O1 PEG BA . 14.29 16.62 38.38
C2 PEG BA . 16.13 16.89 36.80
O2 PEG BA . 16.24 18.29 36.49
C3 PEG BA . 17.48 18.71 35.90
C4 PEG BA . 17.37 20.12 35.33
O4 PEG BA . 17.16 21.14 36.34
#